data_2BIC
#
_entry.id   2BIC
#
_cell.length_a   1.000
_cell.length_b   1.000
_cell.length_c   1.000
_cell.angle_alpha   90.00
_cell.angle_beta   90.00
_cell.angle_gamma   90.00
#
_symmetry.space_group_name_H-M   'P 1'
#
_entity_poly.entity_id   1
_entity_poly.type   'polypeptide(L)'
_entity_poly.pdbx_seq_one_letter_code
;EDPLYCQAIGCPTLYSEANLAVSKECRDQGKLGDDFHRCCEEQCGSTTPASA
;
_entity_poly.pdbx_strand_id   A
#
# COMPACT_ATOMS: atom_id res chain seq x y z
N GLU A 1 8.34 -16.62 -0.02
CA GLU A 1 9.78 -16.28 0.05
C GLU A 1 9.95 -14.84 0.56
N ASP A 2 9.58 -13.85 -0.25
CA ASP A 2 9.74 -12.45 0.18
C ASP A 2 8.40 -11.73 -0.01
N PRO A 3 7.62 -11.50 1.05
CA PRO A 3 6.31 -10.85 0.92
C PRO A 3 6.38 -9.44 0.33
N LEU A 4 5.59 -9.20 -0.71
CA LEU A 4 5.65 -7.91 -1.40
C LEU A 4 4.59 -6.96 -0.82
N TYR A 5 5.04 -6.03 0.01
CA TYR A 5 4.10 -5.08 0.63
C TYR A 5 4.58 -3.64 0.36
N CYS A 6 3.69 -2.68 0.60
CA CYS A 6 3.98 -1.29 0.23
C CYS A 6 4.90 -0.59 1.23
N GLN A 7 5.74 0.29 0.69
CA GLN A 7 6.52 1.20 1.55
C GLN A 7 6.56 2.56 0.86
N ALA A 8 5.44 3.28 0.92
CA ALA A 8 5.35 4.57 0.21
C ALA A 8 5.75 5.73 1.13
N ILE A 9 5.54 6.97 0.65
CA ILE A 9 6.02 8.13 1.41
C ILE A 9 5.15 8.38 2.66
N GLY A 10 3.88 8.71 2.45
CA GLY A 10 2.99 8.89 3.60
C GLY A 10 2.58 7.54 4.22
N CYS A 11 1.96 6.71 3.39
CA CYS A 11 1.32 5.45 3.86
C CYS A 11 2.11 4.69 4.94
N PRO A 12 1.47 3.86 5.78
CA PRO A 12 2.15 3.16 6.88
C PRO A 12 3.45 2.45 6.48
N THR A 13 4.39 2.41 7.42
CA THR A 13 5.70 1.80 7.12
C THR A 13 5.59 0.29 6.90
N LEU A 14 6.60 -0.30 6.29
CA LEU A 14 6.50 -1.70 5.83
C LEU A 14 6.12 -2.70 6.94
N TYR A 15 6.75 -2.63 8.10
CA TYR A 15 6.48 -3.63 9.15
C TYR A 15 5.55 -3.09 10.24
N SER A 16 4.49 -2.37 9.87
CA SER A 16 3.52 -1.91 10.86
C SER A 16 2.21 -2.71 10.73
N GLU A 17 1.42 -2.72 11.80
CA GLU A 17 0.15 -3.48 11.77
C GLU A 17 -0.83 -2.93 10.73
N ALA A 18 -0.92 -1.61 10.60
CA ALA A 18 -1.80 -1.02 9.57
C ALA A 18 -1.35 -1.33 8.13
N ASN A 19 -0.05 -1.51 7.91
CA ASN A 19 0.45 -1.80 6.56
C ASN A 19 -0.07 -3.14 6.00
N LEU A 20 -0.14 -4.18 6.82
CA LEU A 20 -0.61 -5.49 6.32
C LEU A 20 -2.01 -5.40 5.69
N ALA A 21 -2.92 -4.63 6.28
CA ALA A 21 -4.25 -4.49 5.69
C ALA A 21 -4.24 -3.74 4.35
N VAL A 22 -3.58 -2.59 4.29
CA VAL A 22 -3.59 -1.80 3.05
C VAL A 22 -2.71 -2.40 1.94
N SER A 23 -1.54 -2.94 2.30
CA SER A 23 -0.64 -3.52 1.29
C SER A 23 -1.16 -4.85 0.71
N LYS A 24 -1.88 -5.65 1.50
CA LYS A 24 -2.42 -6.91 0.97
C LYS A 24 -3.49 -6.68 -0.13
N GLU A 25 -4.26 -5.60 -0.04
CA GLU A 25 -5.20 -5.27 -1.11
C GLU A 25 -4.47 -4.98 -2.44
N CYS A 26 -3.42 -4.19 -2.40
CA CYS A 26 -2.64 -3.91 -3.62
C CYS A 26 -1.84 -5.13 -4.10
N ARG A 27 -1.32 -5.95 -3.18
CA ARG A 27 -0.63 -7.19 -3.58
C ARG A 27 -1.58 -8.17 -4.31
N ASP A 28 -2.81 -8.30 -3.85
CA ASP A 28 -3.78 -9.17 -4.53
C ASP A 28 -4.12 -8.69 -5.95
N GLN A 29 -4.22 -7.37 -6.15
CA GLN A 29 -4.51 -6.85 -7.49
C GLN A 29 -3.26 -6.91 -8.37
N GLY A 30 -3.40 -7.54 -9.53
CA GLY A 30 -2.27 -7.65 -10.45
C GLY A 30 -1.25 -8.69 -9.97
N LYS A 31 0.02 -8.32 -10.04
CA LYS A 31 1.08 -9.24 -9.60
C LYS A 31 2.39 -8.45 -9.44
N LEU A 32 2.94 -7.96 -10.54
CA LEU A 32 4.19 -7.19 -10.47
C LEU A 32 4.22 -6.26 -11.68
N GLY A 33 3.98 -4.97 -11.46
CA GLY A 33 4.00 -4.03 -12.57
C GLY A 33 3.67 -2.61 -12.11
N ASP A 34 2.53 -2.08 -12.57
CA ASP A 34 2.17 -0.70 -12.22
C ASP A 34 1.41 -0.64 -10.88
N ASP A 35 0.32 -1.40 -10.77
CA ASP A 35 -0.60 -1.31 -9.61
C ASP A 35 -0.05 -0.65 -8.34
N PHE A 36 0.92 -1.30 -7.71
CA PHE A 36 1.41 -0.92 -6.37
C PHE A 36 1.51 0.58 -6.07
N HIS A 37 1.98 1.39 -7.02
CA HIS A 37 2.11 2.84 -6.74
C HIS A 37 0.75 3.53 -6.69
N ARG A 38 -0.08 3.35 -7.71
CA ARG A 38 -1.42 3.98 -7.74
C ARG A 38 -2.41 3.36 -6.74
N CYS A 39 -2.21 2.10 -6.37
CA CYS A 39 -3.00 1.49 -5.30
C CYS A 39 -2.46 1.76 -3.89
N CYS A 40 -1.18 2.03 -3.74
CA CYS A 40 -0.67 2.50 -2.45
C CYS A 40 -0.79 4.01 -2.22
N GLU A 41 -0.86 4.81 -3.27
CA GLU A 41 -1.22 6.22 -3.07
C GLU A 41 -2.75 6.43 -3.04
N GLU A 42 -3.53 5.66 -3.79
CA GLU A 42 -5.00 5.79 -3.68
C GLU A 42 -5.50 5.17 -2.37
N GLN A 43 -5.11 3.93 -2.09
CA GLN A 43 -5.36 3.39 -0.74
C GLN A 43 -4.06 3.54 0.06
N CYS A 44 -3.93 4.65 0.77
CA CYS A 44 -2.66 4.96 1.45
C CYS A 44 -2.76 4.66 2.94
N GLY A 45 -3.62 5.37 3.67
CA GLY A 45 -3.77 5.11 5.10
C GLY A 45 -4.90 5.95 5.68
N SER A 46 -4.58 7.15 6.13
CA SER A 46 -5.61 8.03 6.70
C SER A 46 -6.24 8.87 5.58
N THR A 47 -7.45 8.53 5.19
CA THR A 47 -8.12 9.27 4.13
C THR A 47 -8.90 10.46 4.71
N THR A 48 -8.87 11.58 4.00
CA THR A 48 -9.60 12.77 4.47
C THR A 48 -11.05 12.73 4.00
N PRO A 49 -12.03 13.07 4.83
CA PRO A 49 -13.45 13.00 4.44
C PRO A 49 -13.83 14.20 3.57
N ALA A 50 -14.14 13.92 2.30
CA ALA A 50 -14.54 15.00 1.39
C ALA A 50 -15.34 14.41 0.24
N SER A 51 -16.57 14.88 0.08
CA SER A 51 -17.42 14.37 -1.01
C SER A 51 -17.22 15.23 -2.26
N ALA A 52 -16.58 14.66 -3.28
CA ALA A 52 -16.34 15.41 -4.50
C ALA A 52 -17.48 15.15 -5.50
N GLU A 1 0.06 -15.50 1.42
CA GLU A 1 1.39 -14.89 1.46
C GLU A 1 1.38 -13.61 0.62
N ASP A 2 1.65 -12.48 1.26
CA ASP A 2 1.61 -11.20 0.53
C ASP A 2 2.88 -10.40 0.86
N PRO A 3 3.95 -10.50 0.06
CA PRO A 3 5.19 -9.78 0.34
C PRO A 3 5.07 -8.32 -0.09
N LEU A 4 5.70 -7.94 -1.20
CA LEU A 4 5.85 -6.52 -1.62
C LEU A 4 4.91 -5.53 -0.92
N TYR A 5 5.47 -4.74 -0.01
CA TYR A 5 4.62 -3.91 0.86
C TYR A 5 4.37 -2.53 0.23
N CYS A 6 3.16 -2.03 0.42
CA CYS A 6 2.81 -0.69 -0.08
C CYS A 6 3.57 0.40 0.68
N GLN A 7 4.52 1.02 -0.01
CA GLN A 7 5.23 2.16 0.58
C GLN A 7 5.30 3.27 -0.47
N ALA A 8 4.20 4.00 -0.62
CA ALA A 8 4.14 5.03 -1.66
C ALA A 8 4.80 6.33 -1.18
N ILE A 9 4.02 7.33 -0.78
CA ILE A 9 4.61 8.50 -0.10
C ILE A 9 4.01 8.59 1.31
N GLY A 10 4.81 8.28 2.32
CA GLY A 10 4.34 8.41 3.69
C GLY A 10 3.89 7.09 4.31
N CYS A 11 3.04 6.37 3.58
CA CYS A 11 2.32 5.18 4.11
C CYS A 11 3.03 4.39 5.24
N PRO A 12 2.29 3.82 6.20
CA PRO A 12 2.88 3.18 7.39
C PRO A 12 4.04 2.21 7.15
N THR A 13 4.76 1.91 8.22
CA THR A 13 5.95 1.04 8.13
C THR A 13 5.61 -0.33 7.54
N LEU A 14 6.56 -0.88 6.78
CA LEU A 14 6.31 -2.16 6.08
C LEU A 14 5.82 -3.27 7.03
N TYR A 15 6.52 -3.50 8.12
CA TYR A 15 6.10 -4.56 9.06
C TYR A 15 5.31 -3.94 10.22
N SER A 16 4.07 -3.57 9.94
CA SER A 16 3.18 -3.07 11.01
C SER A 16 1.72 -3.44 10.69
N GLU A 17 0.85 -3.32 11.68
CA GLU A 17 -0.55 -3.76 11.49
C GLU A 17 -1.32 -2.94 10.44
N ALA A 18 -1.07 -1.64 10.34
CA ALA A 18 -1.75 -0.83 9.31
C ALA A 18 -1.28 -1.19 7.89
N ASN A 19 0.03 -1.30 7.70
CA ASN A 19 0.57 -1.70 6.39
C ASN A 19 0.18 -3.14 6.01
N LEU A 20 -0.01 -4.02 6.99
CA LEU A 20 -0.39 -5.41 6.71
C LEU A 20 -1.69 -5.51 5.90
N ALA A 21 -2.74 -4.78 6.30
CA ALA A 21 -3.99 -4.82 5.53
C ALA A 21 -3.80 -4.20 4.14
N VAL A 22 -3.47 -2.91 4.09
CA VAL A 22 -3.40 -2.21 2.79
C VAL A 22 -2.51 -2.86 1.71
N SER A 23 -1.46 -3.59 2.13
CA SER A 23 -0.68 -4.37 1.16
C SER A 23 -1.26 -5.77 0.90
N LYS A 24 -1.92 -6.39 1.87
CA LYS A 24 -2.64 -7.65 1.59
C LYS A 24 -3.78 -7.47 0.57
N GLU A 25 -4.34 -6.27 0.46
CA GLU A 25 -5.26 -6.01 -0.67
C GLU A 25 -4.53 -5.58 -1.94
N CYS A 26 -3.54 -4.67 -1.87
CA CYS A 26 -2.84 -4.27 -3.11
C CYS A 26 -2.06 -5.42 -3.74
N ARG A 27 -1.38 -6.24 -2.93
CA ARG A 27 -0.59 -7.36 -3.47
C ARG A 27 -1.43 -8.46 -4.17
N ASP A 28 -2.70 -8.61 -3.79
CA ASP A 28 -3.58 -9.46 -4.62
C ASP A 28 -4.18 -8.67 -5.79
N GLN A 29 -4.43 -7.38 -5.63
CA GLN A 29 -4.78 -6.54 -6.78
C GLN A 29 -3.50 -6.19 -7.57
N GLY A 30 -3.59 -5.22 -8.47
CA GLY A 30 -2.37 -4.76 -9.15
C GLY A 30 -1.83 -5.78 -10.14
N LYS A 31 -0.54 -6.13 -10.00
CA LYS A 31 0.03 -7.14 -10.90
C LYS A 31 1.27 -7.77 -10.24
N LEU A 32 2.42 -7.11 -10.32
CA LEU A 32 3.66 -7.74 -9.82
C LEU A 32 4.73 -6.69 -9.49
N GLY A 33 5.05 -5.80 -10.43
CA GLY A 33 6.14 -4.84 -10.20
C GLY A 33 5.60 -3.47 -9.79
N ASP A 34 5.72 -2.50 -10.70
CA ASP A 34 5.26 -1.13 -10.38
C ASP A 34 3.82 -0.86 -10.83
N ASP A 35 2.97 -1.87 -10.83
CA ASP A 35 1.56 -1.66 -11.19
C ASP A 35 0.69 -1.25 -9.97
N PHE A 36 1.21 -1.44 -8.76
CA PHE A 36 0.43 -1.08 -7.56
C PHE A 36 0.27 0.43 -7.35
N HIS A 37 1.06 1.25 -8.07
CA HIS A 37 1.11 2.70 -7.83
C HIS A 37 -0.21 3.36 -7.38
N ARG A 38 -1.29 3.16 -8.12
CA ARG A 38 -2.58 3.74 -7.70
C ARG A 38 -3.04 3.15 -6.36
N CYS A 39 -3.28 1.84 -6.31
CA CYS A 39 -3.69 1.18 -5.05
C CYS A 39 -2.95 1.68 -3.80
N CYS A 40 -1.63 1.77 -3.89
CA CYS A 40 -0.80 2.18 -2.75
C CYS A 40 -0.85 3.69 -2.48
N GLU A 41 -0.90 4.51 -3.53
CA GLU A 41 -0.97 5.97 -3.36
C GLU A 41 -2.36 6.39 -2.83
N GLU A 42 -3.42 5.88 -3.44
CA GLU A 42 -4.78 6.25 -3.00
C GLU A 42 -5.13 5.63 -1.64
N GLN A 43 -4.80 4.36 -1.45
CA GLN A 43 -4.88 3.80 -0.08
C GLN A 43 -3.47 3.79 0.52
N CYS A 44 -3.10 4.93 1.12
CA CYS A 44 -1.75 5.05 1.69
C CYS A 44 -1.78 4.90 3.21
N GLY A 45 -2.57 5.72 3.89
CA GLY A 45 -2.60 5.68 5.36
C GLY A 45 -2.06 6.97 5.96
N SER A 46 -0.84 7.33 5.59
CA SER A 46 -0.27 8.60 6.06
C SER A 46 0.44 9.28 4.88
N THR A 47 0.31 10.60 4.80
CA THR A 47 0.96 11.35 3.72
C THR A 47 1.63 12.62 4.26
N THR A 48 0.88 13.41 5.03
CA THR A 48 1.30 14.77 5.45
C THR A 48 2.79 15.12 5.26
N PRO A 49 3.16 15.86 4.21
CA PRO A 49 4.57 16.17 3.93
C PRO A 49 5.25 16.97 5.04
N ALA A 50 6.37 16.45 5.54
CA ALA A 50 7.10 17.16 6.59
C ALA A 50 8.57 16.71 6.58
N SER A 51 9.48 17.67 6.39
CA SER A 51 10.90 17.33 6.36
C SER A 51 11.49 17.32 7.78
N ALA A 52 11.45 18.46 8.46
CA ALA A 52 12.03 18.57 9.81
C ALA A 52 13.54 18.35 9.78
N GLU A 1 5.94 -13.74 -6.86
CA GLU A 1 6.64 -14.72 -6.01
C GLU A 1 6.74 -14.20 -4.58
N ASP A 2 7.52 -13.16 -4.34
CA ASP A 2 7.65 -12.63 -2.99
C ASP A 2 6.56 -11.58 -2.72
N PRO A 3 6.02 -11.50 -1.49
CA PRO A 3 4.95 -10.54 -1.19
C PRO A 3 5.50 -9.12 -1.03
N LEU A 4 4.99 -8.21 -1.86
CA LEU A 4 5.44 -6.82 -1.79
C LEU A 4 4.57 -6.04 -0.79
N TYR A 5 5.17 -5.62 0.32
CA TYR A 5 4.41 -4.88 1.33
C TYR A 5 4.48 -3.38 1.04
N CYS A 6 3.69 -2.96 0.05
CA CYS A 6 3.75 -1.60 -0.50
C CYS A 6 4.24 -0.49 0.45
N GLN A 7 5.41 0.07 0.18
CA GLN A 7 5.91 1.14 1.04
C GLN A 7 6.06 2.43 0.22
N ALA A 8 4.96 3.16 0.07
CA ALA A 8 5.02 4.46 -0.61
C ALA A 8 5.66 5.53 0.29
N ILE A 9 5.97 6.68 -0.28
CA ILE A 9 6.61 7.74 0.50
C ILE A 9 5.61 8.37 1.48
N GLY A 10 5.77 8.04 2.75
CA GLY A 10 4.79 8.46 3.76
C GLY A 10 4.12 7.23 4.36
N CYS A 11 3.13 6.72 3.62
CA CYS A 11 2.30 5.59 4.08
C CYS A 11 2.98 4.54 4.97
N PRO A 12 2.24 3.83 5.83
CA PRO A 12 2.80 2.89 6.81
C PRO A 12 3.91 1.96 6.29
N THR A 13 4.91 1.75 7.14
CA THR A 13 6.08 0.94 6.77
C THR A 13 5.83 -0.55 7.03
N LEU A 14 6.80 -1.39 6.68
CA LEU A 14 6.69 -2.84 6.92
C LEU A 14 6.39 -3.18 8.39
N TYR A 15 7.02 -2.48 9.32
CA TYR A 15 6.71 -2.71 10.74
C TYR A 15 5.45 -1.92 11.12
N SER A 16 4.30 -2.50 10.80
CA SER A 16 3.03 -2.02 11.36
C SER A 16 1.90 -2.71 10.57
N GLU A 17 0.86 -3.13 11.29
CA GLU A 17 -0.26 -3.83 10.63
C GLU A 17 -1.05 -2.95 9.64
N ALA A 18 -0.97 -1.63 9.75
CA ALA A 18 -1.60 -0.75 8.76
C ALA A 18 -1.05 -0.96 7.34
N ASN A 19 0.24 -1.26 7.21
CA ASN A 19 0.78 -1.60 5.88
C ASN A 19 0.27 -2.96 5.39
N LEU A 20 0.19 -3.95 6.27
CA LEU A 20 -0.34 -5.26 5.89
C LEU A 20 -1.79 -5.19 5.35
N ALA A 21 -2.61 -4.29 5.91
CA ALA A 21 -3.97 -4.14 5.40
C ALA A 21 -4.02 -3.54 3.98
N VAL A 22 -3.28 -2.45 3.74
CA VAL A 22 -3.29 -1.84 2.41
C VAL A 22 -2.56 -2.69 1.36
N SER A 23 -1.47 -3.35 1.74
CA SER A 23 -0.75 -4.19 0.78
C SER A 23 -1.54 -5.44 0.38
N LYS A 24 -2.28 -6.05 1.30
CA LYS A 24 -3.12 -7.21 0.95
C LYS A 24 -4.17 -6.88 -0.12
N GLU A 25 -4.73 -5.68 -0.08
CA GLU A 25 -5.70 -5.27 -1.12
C GLU A 25 -5.03 -5.16 -2.51
N CYS A 26 -3.86 -4.53 -2.59
CA CYS A 26 -3.16 -4.42 -3.89
C CYS A 26 -2.57 -5.75 -4.36
N ARG A 27 -2.02 -6.54 -3.42
CA ARG A 27 -1.49 -7.87 -3.78
C ARG A 27 -2.57 -8.86 -4.25
N ASP A 28 -3.82 -8.70 -3.81
CA ASP A 28 -4.89 -9.59 -4.27
C ASP A 28 -4.97 -9.72 -5.80
N GLN A 29 -4.74 -8.62 -6.53
CA GLN A 29 -4.58 -8.74 -7.99
C GLN A 29 -3.23 -9.39 -8.32
N GLY A 30 -2.13 -8.80 -7.85
CA GLY A 30 -0.82 -9.46 -8.01
C GLY A 30 -0.08 -8.98 -9.24
N LYS A 31 0.47 -7.77 -9.17
CA LYS A 31 1.17 -7.20 -10.31
C LYS A 31 2.68 -7.30 -10.12
N LEU A 32 3.42 -7.47 -11.21
CA LEU A 32 4.88 -7.47 -11.12
C LEU A 32 5.42 -6.45 -12.13
N GLY A 33 5.51 -5.19 -11.70
CA GLY A 33 6.01 -4.14 -12.60
C GLY A 33 5.53 -2.76 -12.17
N ASP A 34 4.33 -2.39 -12.58
CA ASP A 34 3.79 -1.06 -12.26
C ASP A 34 2.30 -1.21 -11.97
N ASP A 35 1.89 -0.64 -10.84
CA ASP A 35 0.46 -0.48 -10.53
C ASP A 35 0.40 0.04 -9.09
N PHE A 36 0.98 -0.74 -8.18
CA PHE A 36 0.92 -0.45 -6.73
C PHE A 36 0.87 1.05 -6.36
N HIS A 37 1.78 1.83 -6.93
CA HIS A 37 1.87 3.27 -6.62
C HIS A 37 0.53 3.96 -6.33
N ARG A 38 -0.41 3.92 -7.27
CA ARG A 38 -1.73 4.51 -7.03
C ARG A 38 -2.48 3.74 -5.94
N CYS A 39 -2.73 2.44 -6.17
CA CYS A 39 -3.43 1.59 -5.18
C CYS A 39 -3.11 1.88 -3.70
N CYS A 40 -1.83 2.03 -3.37
CA CYS A 40 -1.45 2.27 -1.98
C CYS A 40 -1.77 3.69 -1.50
N GLU A 41 -1.45 4.69 -2.32
CA GLU A 41 -1.62 6.10 -1.90
C GLU A 41 -3.08 6.52 -1.72
N GLU A 42 -4.01 5.92 -2.47
CA GLU A 42 -5.43 6.25 -2.26
C GLU A 42 -5.93 5.75 -0.89
N GLN A 43 -5.69 4.48 -0.55
CA GLN A 43 -6.01 4.01 0.81
C GLN A 43 -4.82 4.29 1.74
N CYS A 44 -4.62 5.57 2.06
CA CYS A 44 -3.46 5.98 2.85
C CYS A 44 -3.66 7.41 3.35
N GLY A 45 -3.68 8.38 2.44
CA GLY A 45 -3.92 9.77 2.86
C GLY A 45 -3.45 10.74 1.79
N SER A 46 -2.35 11.43 2.09
CA SER A 46 -1.80 12.38 1.10
C SER A 46 -0.27 12.31 1.17
N THR A 47 0.33 11.72 0.14
CA THR A 47 1.79 11.57 0.11
C THR A 47 2.43 12.83 -0.48
N THR A 48 3.46 13.33 0.21
CA THR A 48 4.05 14.65 -0.09
C THR A 48 3.69 15.30 -1.44
N PRO A 49 2.79 16.28 -1.48
CA PRO A 49 2.32 16.85 -2.75
C PRO A 49 3.28 17.95 -3.24
N ALA A 50 4.18 17.55 -4.13
CA ALA A 50 5.28 18.43 -4.59
C ALA A 50 5.07 19.95 -4.46
N SER A 51 4.12 20.48 -5.23
CA SER A 51 3.95 21.94 -5.41
C SER A 51 4.63 22.86 -4.38
N ALA A 52 4.11 22.92 -3.16
CA ALA A 52 4.68 23.82 -2.14
C ALA A 52 5.68 23.07 -1.27
N GLU A 1 4.72 -18.15 0.53
CA GLU A 1 4.32 -16.80 0.97
C GLU A 1 5.21 -15.76 0.26
N ASP A 2 4.57 -14.75 -0.30
CA ASP A 2 5.34 -13.66 -0.95
C ASP A 2 5.10 -12.37 -0.15
N PRO A 3 6.06 -11.91 0.66
CA PRO A 3 5.83 -10.75 1.54
C PRO A 3 6.06 -9.43 0.80
N LEU A 4 5.09 -9.04 0.00
CA LEU A 4 5.22 -7.79 -0.76
C LEU A 4 4.49 -6.69 0.01
N TYR A 5 5.25 -5.77 0.59
CA TYR A 5 4.64 -4.74 1.45
C TYR A 5 4.83 -3.35 0.82
N CYS A 6 4.00 -3.06 -0.19
CA CYS A 6 4.15 -1.83 -1.00
C CYS A 6 4.83 -0.64 -0.32
N GLN A 7 5.93 -0.18 -0.90
CA GLN A 7 6.62 0.99 -0.33
C GLN A 7 6.15 2.26 -1.05
N ALA A 8 4.98 2.75 -0.63
CA ALA A 8 4.44 3.98 -1.23
C ALA A 8 4.97 5.21 -0.48
N ILE A 9 5.07 6.33 -1.19
CA ILE A 9 5.58 7.56 -0.57
C ILE A 9 4.48 8.15 0.34
N GLY A 10 4.71 8.08 1.64
CA GLY A 10 3.70 8.56 2.59
C GLY A 10 3.19 7.44 3.51
N CYS A 11 2.82 6.31 2.92
CA CYS A 11 2.22 5.22 3.71
C CYS A 11 3.20 4.66 4.74
N PRO A 12 2.75 4.13 5.89
CA PRO A 12 3.65 3.68 6.95
C PRO A 12 4.66 2.60 6.55
N THR A 13 5.56 2.28 7.49
CA THR A 13 6.66 1.35 7.19
C THR A 13 6.16 -0.07 6.84
N LEU A 14 7.07 -0.87 6.31
CA LEU A 14 6.70 -2.21 5.79
C LEU A 14 5.93 -3.06 6.80
N TYR A 15 6.47 -3.24 8.00
CA TYR A 15 5.75 -4.02 9.02
C TYR A 15 5.02 -3.05 9.95
N SER A 16 3.78 -2.74 9.61
CA SER A 16 2.98 -1.82 10.44
C SER A 16 1.50 -2.20 10.35
N GLU A 17 0.66 -1.50 11.11
CA GLU A 17 -0.78 -1.82 11.12
C GLU A 17 -1.46 -1.49 9.78
N ALA A 18 -1.19 -0.32 9.21
CA ALA A 18 -1.80 0.03 7.92
C ALA A 18 -1.20 -0.81 6.79
N ASN A 19 0.10 -0.67 6.55
CA ASN A 19 0.75 -1.31 5.39
C ASN A 19 0.27 -2.75 5.08
N LEU A 20 0.23 -3.62 6.09
CA LEU A 20 -0.20 -5.01 5.88
C LEU A 20 -1.59 -5.13 5.23
N ALA A 21 -2.57 -4.37 5.71
CA ALA A 21 -3.90 -4.41 5.10
C ALA A 21 -3.92 -3.83 3.68
N VAL A 22 -3.31 -2.67 3.48
CA VAL A 22 -3.32 -2.04 2.15
C VAL A 22 -2.48 -2.82 1.12
N SER A 23 -1.37 -3.42 1.55
CA SER A 23 -0.56 -4.24 0.64
C SER A 23 -1.26 -5.55 0.26
N LYS A 24 -2.03 -6.13 1.16
CA LYS A 24 -2.80 -7.35 0.82
C LYS A 24 -3.88 -7.08 -0.25
N GLU A 25 -4.54 -5.92 -0.18
CA GLU A 25 -5.49 -5.54 -1.23
C GLU A 25 -4.83 -5.42 -2.61
N CYS A 26 -3.66 -4.79 -2.67
CA CYS A 26 -2.95 -4.64 -3.95
C CYS A 26 -2.32 -5.95 -4.44
N ARG A 27 -1.87 -6.80 -3.51
CA ARG A 27 -1.22 -8.06 -3.91
C ARG A 27 -2.20 -9.07 -4.53
N ASP A 28 -3.43 -9.16 -4.03
CA ASP A 28 -4.37 -10.15 -4.58
C ASP A 28 -4.73 -9.90 -6.06
N GLN A 29 -4.77 -8.64 -6.50
CA GLN A 29 -5.02 -8.37 -7.91
C GLN A 29 -4.18 -7.17 -8.34
N GLY A 30 -2.92 -7.43 -8.66
CA GLY A 30 -2.05 -6.35 -9.14
C GLY A 30 -0.56 -6.69 -9.05
N LYS A 31 -0.20 -7.95 -9.29
CA LYS A 31 1.21 -8.33 -9.21
C LYS A 31 1.92 -8.01 -10.54
N LEU A 32 2.53 -6.84 -10.59
CA LEU A 32 3.21 -6.39 -11.82
C LEU A 32 4.57 -5.75 -11.50
N GLY A 33 4.62 -4.91 -10.48
CA GLY A 33 5.85 -4.15 -10.20
C GLY A 33 5.71 -2.68 -10.63
N ASP A 34 4.57 -2.08 -10.29
CA ASP A 34 4.28 -0.70 -10.73
C ASP A 34 3.02 -0.20 -10.01
N ASP A 35 1.98 -1.02 -9.99
CA ASP A 35 0.71 -0.64 -9.33
C ASP A 35 0.85 -0.40 -7.82
N PHE A 36 1.76 -1.08 -7.16
CA PHE A 36 1.83 -1.02 -5.69
C PHE A 36 2.06 0.38 -5.10
N HIS A 37 2.80 1.23 -5.80
CA HIS A 37 3.00 2.61 -5.30
C HIS A 37 1.68 3.40 -5.29
N ARG A 38 1.00 3.48 -6.43
CA ARG A 38 -0.27 4.19 -6.49
C ARG A 38 -1.43 3.48 -5.76
N CYS A 39 -1.41 2.15 -5.75
CA CYS A 39 -2.52 1.39 -5.14
C CYS A 39 -2.61 1.55 -3.62
N CYS A 40 -1.50 1.48 -2.91
CA CYS A 40 -1.55 1.66 -1.45
C CYS A 40 -1.97 3.06 -1.02
N GLU A 41 -1.53 4.11 -1.73
CA GLU A 41 -1.93 5.48 -1.37
C GLU A 41 -3.45 5.63 -1.25
N GLU A 42 -4.18 5.23 -2.30
CA GLU A 42 -5.66 5.37 -2.33
C GLU A 42 -6.41 5.34 -0.98
N GLN A 43 -6.20 4.27 -0.20
CA GLN A 43 -6.76 4.24 1.16
C GLN A 43 -5.75 4.61 2.25
N CYS A 44 -4.48 4.23 2.09
CA CYS A 44 -3.49 4.48 3.16
C CYS A 44 -3.30 5.97 3.46
N GLY A 45 -3.05 6.78 2.44
CA GLY A 45 -2.86 8.22 2.66
C GLY A 45 -1.43 8.52 3.10
N SER A 46 -1.26 8.81 4.39
CA SER A 46 0.09 9.06 4.92
C SER A 46 0.14 8.67 6.39
N THR A 47 -0.46 9.48 7.27
CA THR A 47 -0.47 9.16 8.70
C THR A 47 -1.83 9.51 9.28
N THR A 48 -2.40 8.59 10.05
CA THR A 48 -3.71 8.86 10.67
C THR A 48 -3.75 8.23 12.06
N PRO A 49 -4.32 8.89 13.08
CA PRO A 49 -4.34 8.37 14.44
C PRO A 49 -5.42 7.29 14.61
N ALA A 50 -5.05 6.18 15.24
CA ALA A 50 -6.01 5.09 15.43
C ALA A 50 -6.89 5.36 16.65
N SER A 51 -8.18 5.62 16.40
CA SER A 51 -9.10 5.86 17.52
C SER A 51 -9.71 4.55 18.04
N ALA A 52 -10.42 3.83 17.17
CA ALA A 52 -11.01 2.56 17.61
C ALA A 52 -10.05 1.40 17.29
N GLU A 1 3.60 -19.85 -0.52
CA GLU A 1 3.37 -18.44 -0.15
C GLU A 1 4.05 -17.53 -1.18
N ASP A 2 3.30 -16.57 -1.70
CA ASP A 2 3.88 -15.65 -2.69
C ASP A 2 3.69 -14.21 -2.19
N PRO A 3 4.69 -13.59 -1.54
CA PRO A 3 4.52 -12.26 -0.96
C PRO A 3 4.75 -11.14 -2.00
N LEU A 4 4.37 -9.93 -1.59
CA LEU A 4 4.78 -8.73 -2.35
C LEU A 4 3.96 -7.59 -1.73
N TYR A 5 4.58 -6.85 -0.82
CA TYR A 5 3.84 -5.81 -0.07
C TYR A 5 4.21 -4.42 -0.59
N CYS A 6 3.32 -3.46 -0.39
CA CYS A 6 3.54 -2.12 -0.92
C CYS A 6 4.39 -1.28 0.03
N GLN A 7 5.40 -0.62 -0.52
CA GLN A 7 6.21 0.29 0.30
C GLN A 7 6.42 1.59 -0.48
N ALA A 8 5.39 2.43 -0.49
CA ALA A 8 5.47 3.72 -1.20
C ALA A 8 6.03 4.80 -0.27
N ILE A 9 5.79 6.07 -0.60
CA ILE A 9 6.09 7.15 0.35
C ILE A 9 4.75 7.83 0.67
N GLY A 10 4.18 7.48 1.81
CA GLY A 10 2.84 7.98 2.15
C GLY A 10 2.09 6.98 3.02
N CYS A 11 2.01 5.74 2.55
CA CYS A 11 1.35 4.67 3.33
C CYS A 11 2.27 4.26 4.50
N PRO A 12 1.80 3.49 5.50
CA PRO A 12 2.59 3.27 6.73
C PRO A 12 3.88 2.47 6.52
N THR A 13 4.65 2.34 7.60
CA THR A 13 5.93 1.61 7.53
C THR A 13 5.68 0.11 7.30
N LEU A 14 6.54 -0.51 6.49
CA LEU A 14 6.35 -1.93 6.16
C LEU A 14 6.26 -2.85 7.39
N TYR A 15 7.07 -2.59 8.41
CA TYR A 15 7.00 -3.42 9.63
C TYR A 15 5.96 -2.85 10.61
N SER A 16 4.71 -2.77 10.17
CA SER A 16 3.64 -2.32 11.05
C SER A 16 2.31 -2.86 10.52
N GLU A 17 1.40 -3.24 11.43
CA GLU A 17 0.13 -3.83 11.01
C GLU A 17 -0.76 -2.90 10.15
N ALA A 18 -0.58 -1.59 10.27
CA ALA A 18 -1.31 -0.66 9.38
C ALA A 18 -0.91 -0.84 7.90
N ASN A 19 0.37 -1.09 7.63
CA ASN A 19 0.78 -1.43 6.26
C ASN A 19 0.23 -2.79 5.81
N LEU A 20 0.21 -3.79 6.68
CA LEU A 20 -0.31 -5.11 6.31
C LEU A 20 -1.76 -5.05 5.78
N ALA A 21 -2.60 -4.20 6.35
CA ALA A 21 -3.97 -4.07 5.82
C ALA A 21 -4.00 -3.46 4.41
N VAL A 22 -3.20 -2.42 4.17
CA VAL A 22 -3.17 -1.78 2.84
C VAL A 22 -2.46 -2.67 1.80
N SER A 23 -1.29 -3.19 2.15
CA SER A 23 -0.52 -4.04 1.23
C SER A 23 -1.17 -5.41 0.91
N LYS A 24 -2.01 -5.90 1.82
CA LYS A 24 -2.81 -7.10 1.50
C LYS A 24 -4.10 -6.79 0.72
N GLU A 25 -4.62 -5.57 0.81
CA GLU A 25 -5.71 -5.20 -0.12
C GLU A 25 -5.17 -4.73 -1.48
N CYS A 26 -4.01 -4.09 -1.52
CA CYS A 26 -3.37 -3.81 -2.82
C CYS A 26 -2.93 -5.12 -3.52
N ARG A 27 -2.36 -6.06 -2.76
CA ARG A 27 -1.76 -7.27 -3.34
C ARG A 27 -2.46 -7.84 -4.59
N ASP A 28 -3.77 -8.07 -4.50
CA ASP A 28 -4.52 -8.79 -5.55
C ASP A 28 -4.04 -8.53 -6.99
N GLN A 29 -4.04 -7.27 -7.42
CA GLN A 29 -3.42 -6.94 -8.71
C GLN A 29 -1.95 -6.60 -8.47
N GLY A 30 -1.07 -7.51 -8.84
CA GLY A 30 0.35 -7.27 -8.56
C GLY A 30 1.24 -8.37 -9.15
N LYS A 31 1.71 -8.15 -10.37
CA LYS A 31 2.63 -9.10 -10.99
C LYS A 31 4.07 -8.79 -10.58
N LEU A 32 4.56 -7.60 -10.93
CA LEU A 32 5.91 -7.20 -10.49
C LEU A 32 5.82 -5.85 -9.75
N GLY A 33 5.38 -4.80 -10.45
CA GLY A 33 5.27 -3.50 -9.79
C GLY A 33 4.56 -2.51 -10.71
N ASP A 34 3.24 -2.59 -10.76
CA ASP A 34 2.47 -1.75 -11.69
C ASP A 34 1.25 -1.15 -10.98
N ASP A 35 0.41 -2.00 -10.38
CA ASP A 35 -0.80 -1.50 -9.71
C ASP A 35 -0.45 -0.71 -8.44
N PHE A 36 0.27 -1.35 -7.53
CA PHE A 36 0.55 -0.79 -6.19
C PHE A 36 0.62 0.74 -6.10
N HIS A 37 1.45 1.36 -6.94
CA HIS A 37 1.71 2.81 -6.83
C HIS A 37 0.48 3.66 -6.50
N ARG A 38 -0.57 3.57 -7.30
CA ARG A 38 -1.81 4.32 -7.01
C ARG A 38 -2.47 3.81 -5.72
N CYS A 39 -2.78 2.52 -5.66
CA CYS A 39 -3.41 1.92 -4.47
C CYS A 39 -2.90 2.46 -3.12
N CYS A 40 -1.58 2.46 -2.93
CA CYS A 40 -1.02 2.87 -1.63
C CYS A 40 -1.00 4.39 -1.45
N GLU A 41 -0.77 5.14 -2.52
CA GLU A 41 -0.71 6.61 -2.40
C GLU A 41 -2.08 7.28 -2.28
N GLU A 42 -3.13 6.69 -2.84
CA GLU A 42 -4.48 7.19 -2.55
C GLU A 42 -5.10 6.35 -1.43
N GLN A 43 -5.87 5.32 -1.77
CA GLN A 43 -6.69 4.58 -0.78
C GLN A 43 -6.15 4.56 0.65
N CYS A 44 -4.97 3.93 0.82
CA CYS A 44 -4.34 3.75 2.15
C CYS A 44 -4.80 4.65 3.30
N GLY A 45 -4.49 5.94 3.23
CA GLY A 45 -4.88 6.85 4.32
C GLY A 45 -4.16 8.18 4.18
N SER A 46 -4.85 9.26 4.50
CA SER A 46 -4.23 10.59 4.38
C SER A 46 -3.40 10.90 5.63
N THR A 47 -2.09 10.68 5.51
CA THR A 47 -1.16 10.69 6.66
C THR A 47 -1.68 11.30 7.98
N THR A 48 -1.81 12.62 8.02
CA THR A 48 -2.54 13.30 9.11
C THR A 48 -2.19 14.78 8.93
N PRO A 49 -2.98 15.58 8.22
CA PRO A 49 -2.61 16.98 7.93
C PRO A 49 -3.00 17.89 9.10
N ALA A 50 -2.02 18.22 9.95
CA ALA A 50 -2.31 19.07 11.10
C ALA A 50 -2.26 20.55 10.71
N SER A 51 -3.42 21.20 10.71
CA SER A 51 -3.47 22.62 10.34
C SER A 51 -3.29 23.50 11.58
N ALA A 52 -2.36 24.44 11.50
CA ALA A 52 -2.13 25.34 12.63
C ALA A 52 -1.65 26.70 12.11
N GLU A 1 7.08 -16.37 -4.87
CA GLU A 1 6.28 -15.13 -4.78
C GLU A 1 7.15 -14.00 -4.26
N ASP A 2 7.08 -12.84 -4.91
CA ASP A 2 7.85 -11.68 -4.44
C ASP A 2 7.01 -10.91 -3.40
N PRO A 3 7.60 -10.45 -2.29
CA PRO A 3 6.82 -9.77 -1.25
C PRO A 3 6.57 -8.30 -1.59
N LEU A 4 5.53 -8.06 -2.38
CA LEU A 4 5.23 -6.68 -2.80
C LEU A 4 4.15 -6.10 -1.88
N TYR A 5 4.58 -5.37 -0.87
CA TYR A 5 3.64 -4.85 0.13
C TYR A 5 3.71 -3.31 0.14
N CYS A 6 2.68 -2.67 -0.42
CA CYS A 6 2.62 -1.20 -0.50
C CYS A 6 3.62 -0.40 0.34
N GLN A 7 4.56 0.26 -0.33
CA GLN A 7 5.46 1.18 0.37
C GLN A 7 5.61 2.44 -0.49
N ALA A 8 4.59 3.29 -0.47
CA ALA A 8 4.59 4.47 -1.33
C ALA A 8 4.99 5.73 -0.54
N ILE A 9 4.79 6.90 -1.15
CA ILE A 9 5.15 8.16 -0.49
C ILE A 9 4.12 8.48 0.59
N GLY A 10 4.48 8.20 1.84
CA GLY A 10 3.55 8.43 2.96
C GLY A 10 2.70 7.21 3.29
N CYS A 11 3.31 6.02 3.27
CA CYS A 11 2.63 4.84 3.81
C CYS A 11 3.45 4.30 4.99
N PRO A 12 2.84 3.68 6.01
CA PRO A 12 3.59 3.18 7.17
C PRO A 12 4.72 2.20 6.83
N THR A 13 5.53 1.88 7.83
CA THR A 13 6.66 0.97 7.60
C THR A 13 6.18 -0.45 7.24
N LEU A 14 7.08 -1.24 6.66
CA LEU A 14 6.69 -2.57 6.15
C LEU A 14 6.08 -3.47 7.24
N TYR A 15 6.84 -3.74 8.30
CA TYR A 15 6.34 -4.66 9.34
C TYR A 15 5.57 -3.88 10.42
N SER A 16 4.32 -3.58 10.11
CA SER A 16 3.44 -2.93 11.09
C SER A 16 1.99 -3.30 10.80
N GLU A 17 1.14 -3.25 11.83
CA GLU A 17 -0.26 -3.68 11.67
C GLU A 17 -1.03 -2.88 10.61
N ALA A 18 -0.81 -1.57 10.54
CA ALA A 18 -1.49 -0.76 9.52
C ALA A 18 -1.04 -1.11 8.09
N ASN A 19 0.26 -1.32 7.89
CA ASN A 19 0.76 -1.63 6.54
C ASN A 19 0.26 -3.00 6.02
N LEU A 20 0.36 -4.05 6.81
CA LEU A 20 -0.08 -5.38 6.32
C LEU A 20 -1.56 -5.43 5.93
N ALA A 21 -2.42 -4.68 6.62
CA ALA A 21 -3.83 -4.62 6.23
C ALA A 21 -4.02 -3.95 4.86
N VAL A 22 -3.44 -2.77 4.65
CA VAL A 22 -3.60 -2.07 3.37
C VAL A 22 -2.77 -2.70 2.23
N SER A 23 -1.60 -3.25 2.55
CA SER A 23 -0.73 -3.81 1.51
C SER A 23 -1.29 -5.09 0.89
N LYS A 24 -1.88 -5.96 1.69
CA LYS A 24 -2.51 -7.18 1.13
C LYS A 24 -3.72 -6.86 0.25
N GLU A 25 -4.45 -5.77 0.53
CA GLU A 25 -5.58 -5.39 -0.33
C GLU A 25 -5.13 -5.04 -1.77
N CYS A 26 -4.07 -4.23 -1.91
CA CYS A 26 -3.53 -3.97 -3.25
C CYS A 26 -2.84 -5.22 -3.82
N ARG A 27 -1.82 -5.72 -3.12
CA ARG A 27 -0.95 -6.79 -3.67
C ARG A 27 -1.63 -7.86 -4.55
N ASP A 28 -2.74 -8.42 -4.10
CA ASP A 28 -3.32 -9.59 -4.77
C ASP A 28 -3.70 -9.33 -6.24
N GLN A 29 -4.51 -8.32 -6.51
CA GLN A 29 -4.97 -8.09 -7.88
C GLN A 29 -4.00 -7.16 -8.61
N GLY A 30 -2.99 -7.74 -9.26
CA GLY A 30 -2.00 -6.91 -9.98
C GLY A 30 -0.57 -7.46 -9.89
N LYS A 31 -0.23 -8.05 -8.74
CA LYS A 31 1.17 -8.41 -8.41
C LYS A 31 2.20 -8.40 -9.55
N LEU A 32 2.96 -7.31 -9.65
CA LEU A 32 4.07 -7.26 -10.61
C LEU A 32 5.24 -6.48 -9.97
N GLY A 33 5.07 -5.17 -9.81
CA GLY A 33 6.17 -4.36 -9.24
C GLY A 33 5.80 -2.88 -9.33
N ASP A 34 5.99 -2.30 -10.50
CA ASP A 34 5.51 -0.93 -10.74
C ASP A 34 4.07 -1.03 -11.22
N ASP A 35 3.15 -1.14 -10.27
CA ASP A 35 1.75 -1.42 -10.59
C ASP A 35 0.80 -1.00 -9.47
N PHE A 36 1.26 -1.02 -8.22
CA PHE A 36 0.45 -0.42 -7.15
C PHE A 36 0.96 0.98 -6.79
N HIS A 37 1.09 1.85 -7.79
CA HIS A 37 1.42 3.25 -7.51
C HIS A 37 0.16 4.01 -7.09
N ARG A 38 -0.92 3.87 -7.86
CA ARG A 38 -2.19 4.52 -7.49
C ARG A 38 -2.91 3.78 -6.35
N CYS A 39 -2.89 2.44 -6.35
CA CYS A 39 -3.58 1.68 -5.29
C CYS A 39 -3.01 1.97 -3.89
N CYS A 40 -1.69 2.00 -3.76
CA CYS A 40 -1.08 2.30 -2.46
C CYS A 40 -1.34 3.75 -2.01
N GLU A 41 -1.10 4.72 -2.89
CA GLU A 41 -1.24 6.13 -2.49
C GLU A 41 -2.70 6.55 -2.27
N GLU A 42 -3.62 6.11 -3.13
CA GLU A 42 -5.03 6.51 -2.98
C GLU A 42 -5.71 5.88 -1.76
N GLN A 43 -5.22 4.74 -1.28
CA GLN A 43 -5.69 4.25 0.04
C GLN A 43 -4.66 4.68 1.09
N CYS A 44 -3.74 3.77 1.43
CA CYS A 44 -2.81 3.97 2.57
C CYS A 44 -2.59 5.41 3.07
N GLY A 45 -1.92 6.23 2.27
CA GLY A 45 -1.74 7.64 2.64
C GLY A 45 -2.81 8.50 2.00
N SER A 46 -3.94 8.61 2.70
CA SER A 46 -5.18 9.21 2.14
C SER A 46 -5.06 10.03 0.84
N THR A 47 -4.50 11.25 0.93
CA THR A 47 -4.41 12.09 -0.27
C THR A 47 -3.18 11.69 -1.09
N THR A 48 -3.36 11.51 -2.39
CA THR A 48 -2.25 11.10 -3.25
C THR A 48 -1.29 12.29 -3.46
N PRO A 49 -0.01 12.16 -3.11
CA PRO A 49 0.95 13.27 -3.25
C PRO A 49 1.48 13.38 -4.68
N ALA A 50 2.12 14.50 -4.99
CA ALA A 50 2.70 14.68 -6.32
C ALA A 50 4.02 13.93 -6.45
N SER A 51 3.98 12.79 -7.14
CA SER A 51 5.19 11.97 -7.28
C SER A 51 5.93 12.37 -8.56
N ALA A 52 7.11 12.94 -8.41
CA ALA A 52 7.91 13.34 -9.57
C ALA A 52 9.39 13.20 -9.26
N GLU A 1 0.40 -17.39 0.56
CA GLU A 1 0.35 -15.98 0.17
C GLU A 1 1.65 -15.27 0.55
N ASP A 2 2.02 -14.25 -0.22
CA ASP A 2 3.23 -13.48 0.11
C ASP A 2 2.97 -12.00 -0.24
N PRO A 3 2.47 -11.19 0.69
CA PRO A 3 2.12 -9.80 0.38
C PRO A 3 3.33 -8.94 -0.03
N LEU A 4 3.24 -8.35 -1.22
CA LEU A 4 4.30 -7.45 -1.67
C LEU A 4 4.05 -6.08 -1.05
N TYR A 5 4.95 -5.68 -0.14
CA TYR A 5 4.68 -4.49 0.67
C TYR A 5 4.98 -3.21 -0.12
N CYS A 6 3.96 -2.37 -0.29
CA CYS A 6 4.14 -1.13 -1.05
C CYS A 6 4.78 -0.06 -0.16
N GLN A 7 6.02 0.29 -0.45
CA GLN A 7 6.70 1.32 0.35
C GLN A 7 6.49 2.70 -0.29
N ALA A 8 5.27 3.21 -0.16
CA ALA A 8 4.96 4.54 -0.72
C ALA A 8 5.20 5.63 0.34
N ILE A 9 5.23 6.88 -0.10
CA ILE A 9 5.55 7.98 0.82
C ILE A 9 4.46 8.22 1.89
N GLY A 10 3.19 8.09 1.53
CA GLY A 10 2.12 8.30 2.51
C GLY A 10 1.64 7.04 3.24
N CYS A 11 2.25 5.89 2.98
CA CYS A 11 1.77 4.63 3.58
C CYS A 11 2.55 4.32 4.87
N PRO A 12 2.00 3.57 5.83
CA PRO A 12 2.67 3.37 7.13
C PRO A 12 3.98 2.58 7.04
N THR A 13 4.65 2.43 8.17
CA THR A 13 5.92 1.68 8.18
C THR A 13 5.68 0.17 8.04
N LEU A 14 6.71 -0.54 7.61
CA LEU A 14 6.57 -1.97 7.32
C LEU A 14 6.18 -2.80 8.56
N TYR A 15 6.79 -2.50 9.70
CA TYR A 15 6.52 -3.31 10.91
C TYR A 15 5.12 -3.12 11.50
N SER A 16 4.50 -1.96 11.29
CA SER A 16 3.15 -1.73 11.82
C SER A 16 2.10 -2.51 11.03
N GLU A 17 1.03 -2.92 11.73
CA GLU A 17 -0.01 -3.74 11.08
C GLU A 17 -0.82 -3.02 10.00
N ALA A 18 -0.82 -1.69 9.98
CA ALA A 18 -1.53 -0.96 8.93
C ALA A 18 -0.91 -1.17 7.54
N ASN A 19 0.41 -1.20 7.44
CA ASN A 19 1.05 -1.52 6.15
C ASN A 19 0.83 -2.99 5.75
N LEU A 20 0.84 -3.90 6.73
CA LEU A 20 0.61 -5.33 6.42
C LEU A 20 -0.78 -5.57 5.82
N ALA A 21 -1.82 -4.93 6.37
CA ALA A 21 -3.17 -5.12 5.85
C ALA A 21 -3.36 -4.52 4.44
N VAL A 22 -2.90 -3.30 4.21
CA VAL A 22 -3.09 -2.68 2.89
C VAL A 22 -2.25 -3.35 1.78
N SER A 23 -1.11 -3.92 2.13
CA SER A 23 -0.31 -4.65 1.13
C SER A 23 -1.01 -5.90 0.57
N LYS A 24 -1.87 -6.54 1.35
CA LYS A 24 -2.64 -7.68 0.82
C LYS A 24 -3.63 -7.25 -0.27
N GLU A 25 -4.32 -6.12 -0.09
CA GLU A 25 -5.22 -5.61 -1.13
C GLU A 25 -4.44 -5.21 -2.40
N CYS A 26 -3.32 -4.51 -2.25
CA CYS A 26 -2.49 -4.18 -3.42
C CYS A 26 -1.87 -5.42 -4.09
N ARG A 27 -1.58 -6.46 -3.32
CA ARG A 27 -1.08 -7.72 -3.91
C ARG A 27 -2.09 -8.37 -4.85
N ASP A 28 -3.37 -8.39 -4.46
CA ASP A 28 -4.41 -8.93 -5.36
C ASP A 28 -4.57 -8.09 -6.64
N GLN A 29 -4.44 -6.77 -6.53
CA GLN A 29 -4.59 -5.91 -7.72
C GLN A 29 -3.28 -5.88 -8.51
N GLY A 30 -3.37 -6.19 -9.80
CA GLY A 30 -2.17 -6.14 -10.65
C GLY A 30 -1.48 -7.50 -10.71
N LYS A 31 -0.19 -7.52 -10.39
CA LYS A 31 0.56 -8.78 -10.45
C LYS A 31 1.87 -8.65 -9.67
N LEU A 32 2.80 -7.85 -10.16
CA LEU A 32 4.13 -7.78 -9.53
C LEU A 32 4.61 -6.34 -9.40
N GLY A 33 4.59 -5.57 -10.48
CA GLY A 33 5.01 -4.17 -10.40
C GLY A 33 4.25 -3.29 -11.40
N ASP A 34 2.93 -3.22 -11.24
CA ASP A 34 2.13 -2.35 -12.13
C ASP A 34 0.80 -1.95 -11.47
N ASP A 35 0.82 -1.73 -10.16
CA ASP A 35 -0.39 -1.32 -9.45
C ASP A 35 0.04 -0.70 -8.11
N PHE A 36 0.82 -1.47 -7.35
CA PHE A 36 1.27 -1.06 -6.01
C PHE A 36 1.56 0.44 -5.80
N HIS A 37 2.21 1.07 -6.77
CA HIS A 37 2.54 2.50 -6.65
C HIS A 37 1.29 3.38 -6.54
N ARG A 38 0.39 3.32 -7.53
CA ARG A 38 -0.89 4.03 -7.42
C ARG A 38 -1.72 3.49 -6.25
N CYS A 39 -1.86 2.16 -6.16
CA CYS A 39 -2.67 1.53 -5.09
C CYS A 39 -2.57 2.20 -3.72
N CYS A 40 -1.36 2.27 -3.17
CA CYS A 40 -1.19 2.84 -1.82
C CYS A 40 -1.24 4.38 -1.79
N GLU A 41 -0.83 5.04 -2.86
CA GLU A 41 -0.95 6.52 -2.90
C GLU A 41 -2.39 7.03 -2.84
N GLU A 42 -3.36 6.24 -3.30
CA GLU A 42 -4.77 6.61 -3.05
C GLU A 42 -5.34 5.87 -1.84
N GLN A 43 -5.24 4.53 -1.81
CA GLN A 43 -5.94 3.76 -0.77
C GLN A 43 -5.23 3.82 0.60
N CYS A 44 -3.91 3.64 0.62
CA CYS A 44 -3.20 3.64 1.90
C CYS A 44 -3.01 5.07 2.43
N GLY A 45 -3.10 5.21 3.75
CA GLY A 45 -2.93 6.54 4.35
C GLY A 45 -3.61 6.59 5.72
N SER A 46 -2.84 6.35 6.76
CA SER A 46 -3.41 6.38 8.12
C SER A 46 -3.26 7.78 8.72
N THR A 47 -4.25 8.63 8.46
CA THR A 47 -4.20 10.00 8.99
C THR A 47 -4.74 10.04 10.43
N THR A 48 -5.96 9.55 10.64
CA THR A 48 -6.52 9.50 12.00
C THR A 48 -5.86 8.34 12.78
N PRO A 49 -5.81 8.41 14.12
CA PRO A 49 -5.13 7.38 14.91
C PRO A 49 -5.99 6.12 15.08
N ALA A 50 -6.07 5.33 14.02
CA ALA A 50 -6.84 4.08 14.08
C ALA A 50 -6.38 3.20 12.92
N SER A 51 -5.44 2.30 13.21
CA SER A 51 -5.10 1.23 12.24
C SER A 51 -3.83 0.52 12.73
N ALA A 52 -2.76 1.28 12.99
CA ALA A 52 -1.51 0.67 13.44
C ALA A 52 -1.59 0.27 14.90
N GLU A 1 7.01 -17.94 -1.00
CA GLU A 1 6.13 -16.83 -0.58
C GLU A 1 6.93 -15.53 -0.70
N ASP A 2 6.53 -14.67 -1.63
CA ASP A 2 7.24 -13.39 -1.81
C ASP A 2 6.32 -12.25 -1.36
N PRO A 3 6.57 -11.61 -0.22
CA PRO A 3 5.65 -10.58 0.30
C PRO A 3 5.92 -9.23 -0.36
N LEU A 4 5.07 -8.87 -1.31
CA LEU A 4 5.25 -7.58 -2.00
C LEU A 4 4.46 -6.51 -1.25
N TYR A 5 5.18 -5.59 -0.61
CA TYR A 5 4.52 -4.65 0.32
C TYR A 5 4.00 -3.40 -0.41
N CYS A 6 3.39 -2.52 0.37
CA CYS A 6 3.03 -1.19 -0.13
C CYS A 6 3.88 -0.16 0.63
N GLN A 7 4.64 0.64 -0.11
CA GLN A 7 5.37 1.74 0.53
C GLN A 7 5.36 2.94 -0.42
N ALA A 8 4.24 3.65 -0.45
CA ALA A 8 4.13 4.84 -1.30
C ALA A 8 4.64 6.09 -0.56
N ILE A 9 4.38 7.26 -1.12
CA ILE A 9 4.88 8.50 -0.51
C ILE A 9 4.00 8.85 0.70
N GLY A 10 4.47 8.46 1.89
CA GLY A 10 3.70 8.72 3.12
C GLY A 10 2.78 7.58 3.49
N CYS A 11 3.29 6.35 3.47
CA CYS A 11 2.53 5.23 4.04
C CYS A 11 3.33 4.65 5.23
N PRO A 12 2.69 4.06 6.25
CA PRO A 12 3.43 3.56 7.42
C PRO A 12 4.46 2.46 7.10
N THR A 13 5.21 2.06 8.12
CA THR A 13 6.24 1.02 7.91
C THR A 13 5.58 -0.35 7.71
N LEU A 14 6.25 -1.21 6.94
CA LEU A 14 5.71 -2.57 6.71
C LEU A 14 5.72 -3.48 7.94
N TYR A 15 6.42 -3.10 9.00
CA TYR A 15 6.37 -3.88 10.25
C TYR A 15 5.08 -3.62 11.04
N SER A 16 4.56 -2.40 10.99
CA SER A 16 3.30 -2.11 11.71
C SER A 16 2.08 -2.67 10.98
N GLU A 17 1.03 -2.95 11.74
CA GLU A 17 -0.16 -3.59 11.16
C GLU A 17 -0.93 -2.69 10.17
N ALA A 18 -0.85 -1.38 10.32
CA ALA A 18 -1.56 -0.47 9.40
C ALA A 18 -1.14 -0.65 7.94
N ASN A 19 0.16 -0.68 7.67
CA ASN A 19 0.63 -0.87 6.29
C ASN A 19 0.36 -2.29 5.76
N LEU A 20 0.42 -3.31 6.63
CA LEU A 20 0.12 -4.68 6.18
C LEU A 20 -1.31 -4.84 5.66
N ALA A 21 -2.28 -4.12 6.23
CA ALA A 21 -3.64 -4.11 5.68
C ALA A 21 -3.71 -3.50 4.28
N VAL A 22 -2.91 -2.47 4.01
CA VAL A 22 -2.87 -1.85 2.67
C VAL A 22 -2.34 -2.85 1.62
N SER A 23 -1.22 -3.50 1.91
CA SER A 23 -0.70 -4.53 0.99
C SER A 23 -1.63 -5.76 0.90
N LYS A 24 -2.36 -6.07 1.96
CA LYS A 24 -3.28 -7.23 1.92
C LYS A 24 -4.47 -7.04 0.96
N GLU A 25 -4.90 -5.79 0.74
CA GLU A 25 -5.85 -5.56 -0.36
C GLU A 25 -5.16 -5.34 -1.71
N CYS A 26 -4.02 -4.66 -1.76
CA CYS A 26 -3.37 -4.42 -3.06
C CYS A 26 -2.85 -5.72 -3.70
N ARG A 27 -1.93 -6.41 -3.04
CA ARG A 27 -1.33 -7.64 -3.61
C ARG A 27 -2.29 -8.54 -4.42
N ASP A 28 -3.48 -8.79 -3.90
CA ASP A 28 -4.43 -9.70 -4.57
C ASP A 28 -4.80 -9.29 -6.00
N GLN A 29 -4.79 -8.00 -6.31
CA GLN A 29 -5.07 -7.55 -7.69
C GLN A 29 -3.99 -8.05 -8.66
N GLY A 30 -2.72 -7.77 -8.38
CA GLY A 30 -1.64 -8.35 -9.18
C GLY A 30 -1.23 -7.44 -10.34
N LYS A 31 -0.16 -6.68 -10.13
CA LYS A 31 0.37 -5.85 -11.21
C LYS A 31 1.90 -5.80 -11.09
N LEU A 32 2.57 -6.59 -11.90
CA LEU A 32 4.03 -6.70 -11.80
C LEU A 32 4.70 -5.64 -12.67
N GLY A 33 5.95 -5.30 -12.33
CA GLY A 33 6.65 -4.25 -13.07
C GLY A 33 6.45 -2.90 -12.37
N ASP A 34 5.25 -2.34 -12.54
CA ASP A 34 4.89 -1.17 -11.73
C ASP A 34 4.23 -1.69 -10.46
N ASP A 35 4.96 -1.65 -9.36
CA ASP A 35 4.42 -2.16 -8.09
C ASP A 35 3.24 -1.29 -7.67
N PHE A 36 2.06 -1.91 -7.66
CA PHE A 36 0.78 -1.20 -7.50
C PHE A 36 0.83 0.19 -6.84
N HIS A 37 1.16 1.19 -7.65
CA HIS A 37 1.44 2.52 -7.10
C HIS A 37 0.19 3.42 -6.97
N ARG A 38 -0.94 3.04 -7.57
CA ARG A 38 -2.19 3.74 -7.23
C ARG A 38 -2.75 3.11 -5.95
N CYS A 39 -3.10 1.82 -5.99
CA CYS A 39 -3.60 1.15 -4.77
C CYS A 39 -2.80 1.47 -3.49
N CYS A 40 -1.47 1.50 -3.62
CA CYS A 40 -0.60 1.77 -2.47
C CYS A 40 -0.78 3.18 -1.91
N GLU A 41 -0.73 4.23 -2.73
CA GLU A 41 -0.97 5.58 -2.19
C GLU A 41 -2.45 5.74 -1.81
N GLU A 42 -3.36 5.53 -2.76
CA GLU A 42 -4.80 5.73 -2.52
C GLU A 42 -5.30 5.44 -1.10
N GLN A 43 -5.27 4.17 -0.70
CA GLN A 43 -5.80 3.78 0.61
C GLN A 43 -4.71 3.81 1.70
N CYS A 44 -3.99 4.92 1.81
CA CYS A 44 -2.95 5.02 2.84
C CYS A 44 -2.50 6.47 2.99
N GLY A 45 -2.01 7.08 1.92
CA GLY A 45 -1.57 8.47 1.97
C GLY A 45 -1.43 9.03 0.57
N SER A 46 -2.54 9.49 0.01
CA SER A 46 -2.51 10.04 -1.36
C SER A 46 -2.29 11.56 -1.33
N THR A 47 -1.84 12.09 -2.47
CA THR A 47 -1.84 13.55 -2.67
C THR A 47 -1.04 13.88 -3.93
N THR A 48 0.17 13.33 -4.06
CA THR A 48 1.00 13.64 -5.24
C THR A 48 1.74 12.36 -5.64
N PRO A 49 1.35 11.67 -6.72
CA PRO A 49 2.00 10.42 -7.14
C PRO A 49 3.51 10.55 -7.42
N ALA A 50 3.87 11.50 -8.28
CA ALA A 50 5.26 11.66 -8.75
C ALA A 50 6.37 11.02 -7.91
N SER A 51 6.90 9.90 -8.38
CA SER A 51 7.95 9.20 -7.62
C SER A 51 9.35 9.72 -7.96
N ALA A 52 9.65 9.89 -9.25
CA ALA A 52 10.99 10.34 -9.67
C ALA A 52 12.07 9.31 -9.29
N GLU A 1 1.71 -18.42 0.66
CA GLU A 1 2.24 -17.53 1.71
C GLU A 1 3.55 -16.93 1.21
N ASP A 2 3.55 -15.62 0.98
CA ASP A 2 4.78 -14.95 0.50
C ASP A 2 4.78 -13.48 0.97
N PRO A 3 5.94 -12.86 1.18
CA PRO A 3 6.01 -11.47 1.61
C PRO A 3 5.76 -10.50 0.44
N LEU A 4 5.49 -9.25 0.80
CA LEU A 4 5.50 -8.16 -0.18
C LEU A 4 4.91 -6.94 0.57
N TYR A 5 5.71 -5.89 0.71
CA TYR A 5 5.22 -4.67 1.38
C TYR A 5 4.77 -3.64 0.32
N CYS A 6 4.16 -2.55 0.77
CA CYS A 6 3.91 -1.44 -0.16
C CYS A 6 4.72 -0.22 0.29
N GLN A 7 5.69 0.19 -0.52
CA GLN A 7 6.55 1.30 -0.13
C GLN A 7 6.11 2.60 -0.82
N ALA A 8 5.02 3.18 -0.32
CA ALA A 8 4.60 4.51 -0.81
C ALA A 8 4.88 5.55 0.27
N ILE A 9 5.07 6.81 -0.14
CA ILE A 9 5.44 7.85 0.83
C ILE A 9 4.32 8.19 1.82
N GLY A 10 3.07 8.24 1.36
CA GLY A 10 1.96 8.47 2.29
C GLY A 10 1.32 7.18 2.82
N CYS A 11 2.11 6.12 2.95
CA CYS A 11 1.64 4.92 3.66
C CYS A 11 2.53 4.71 4.90
N PRO A 12 2.05 4.08 5.98
CA PRO A 12 2.82 3.97 7.22
C PRO A 12 4.01 3.01 7.09
N THR A 13 4.71 2.80 8.20
CA THR A 13 5.95 2.01 8.18
C THR A 13 5.73 0.58 7.65
N LEU A 14 6.75 0.03 7.01
CA LEU A 14 6.62 -1.29 6.38
C LEU A 14 6.25 -2.39 7.38
N TYR A 15 6.94 -2.44 8.51
CA TYR A 15 6.62 -3.45 9.53
C TYR A 15 5.47 -2.93 10.42
N SER A 16 4.26 -3.35 10.06
CA SER A 16 3.12 -3.18 10.98
C SER A 16 1.83 -3.51 10.21
N GLU A 17 0.77 -3.76 10.95
CA GLU A 17 -0.48 -4.25 10.33
C GLU A 17 -1.10 -3.27 9.33
N ALA A 18 -0.96 -1.96 9.54
CA ALA A 18 -1.53 -0.98 8.59
C ALA A 18 -0.92 -1.10 7.20
N ASN A 19 0.41 -1.16 7.09
CA ASN A 19 1.04 -1.34 5.78
C ASN A 19 0.77 -2.74 5.19
N LEU A 20 0.79 -3.78 6.01
CA LEU A 20 0.51 -5.14 5.50
C LEU A 20 -0.90 -5.28 4.92
N ALA A 21 -1.90 -4.65 5.53
CA ALA A 21 -3.26 -4.69 4.97
C ALA A 21 -3.37 -4.06 3.58
N VAL A 22 -2.68 -2.94 3.37
CA VAL A 22 -2.67 -2.30 2.04
C VAL A 22 -1.92 -3.16 1.01
N SER A 23 -0.75 -3.66 1.38
CA SER A 23 0.05 -4.45 0.44
C SER A 23 -0.63 -5.75 -0.01
N LYS A 24 -1.28 -6.46 0.91
CA LYS A 24 -1.95 -7.72 0.53
C LYS A 24 -3.23 -7.50 -0.27
N GLU A 25 -3.94 -6.40 -0.03
CA GLU A 25 -5.19 -6.13 -0.76
C GLU A 25 -4.94 -5.83 -2.24
N CYS A 26 -4.03 -4.90 -2.53
CA CYS A 26 -3.78 -4.54 -3.94
C CYS A 26 -2.91 -5.58 -4.67
N ARG A 27 -2.05 -6.30 -3.95
CA ARG A 27 -1.34 -7.44 -4.56
C ARG A 27 -2.30 -8.52 -5.08
N ASP A 28 -3.37 -8.81 -4.34
CA ASP A 28 -4.38 -9.76 -4.82
C ASP A 28 -5.08 -9.29 -6.11
N GLN A 29 -5.33 -7.98 -6.22
CA GLN A 29 -5.93 -7.44 -7.46
C GLN A 29 -4.95 -7.51 -8.64
N GLY A 30 -3.75 -6.94 -8.47
CA GLY A 30 -2.76 -7.01 -9.54
C GLY A 30 -1.80 -8.18 -9.31
N LYS A 31 -0.57 -7.85 -8.95
CA LYS A 31 0.37 -8.87 -8.43
C LYS A 31 1.75 -8.18 -8.38
N LEU A 32 2.49 -8.20 -9.50
CA LEU A 32 3.81 -7.55 -9.52
C LEU A 32 3.87 -6.54 -10.66
N GLY A 33 4.25 -5.31 -10.34
CA GLY A 33 4.39 -4.30 -11.40
C GLY A 33 4.43 -2.89 -10.81
N ASP A 34 3.91 -1.93 -11.57
CA ASP A 34 3.84 -0.54 -11.08
C ASP A 34 2.77 -0.34 -10.01
N ASP A 35 1.65 -1.05 -10.15
CA ASP A 35 0.49 -0.93 -9.25
C ASP A 35 0.70 -0.28 -7.87
N PHE A 36 1.62 -0.83 -7.07
CA PHE A 36 1.74 -0.43 -5.66
C PHE A 36 2.03 1.06 -5.40
N HIS A 37 2.64 1.77 -6.35
CA HIS A 37 2.92 3.19 -6.12
C HIS A 37 1.62 4.01 -6.05
N ARG A 38 0.79 3.97 -7.08
CA ARG A 38 -0.51 4.66 -7.02
C ARG A 38 -1.43 3.97 -6.02
N CYS A 39 -1.73 2.69 -6.27
CA CYS A 39 -2.72 1.97 -5.47
C CYS A 39 -2.60 2.06 -3.94
N CYS A 40 -1.39 2.24 -3.43
CA CYS A 40 -1.25 2.54 -1.99
C CYS A 40 -1.35 4.04 -1.69
N GLU A 41 -0.67 4.90 -2.46
CA GLU A 41 -0.71 6.33 -2.19
C GLU A 41 -2.13 6.89 -2.05
N GLU A 42 -3.06 6.45 -2.89
CA GLU A 42 -4.46 6.86 -2.72
C GLU A 42 -5.15 6.09 -1.58
N GLN A 43 -5.16 4.75 -1.63
CA GLN A 43 -5.85 3.98 -0.59
C GLN A 43 -4.89 3.61 0.56
N CYS A 44 -4.44 4.59 1.32
CA CYS A 44 -3.63 4.31 2.50
C CYS A 44 -3.50 5.55 3.38
N GLY A 45 -3.34 5.34 4.68
CA GLY A 45 -3.16 6.47 5.59
C GLY A 45 -3.03 5.98 7.03
N SER A 46 -3.57 6.78 7.96
CA SER A 46 -3.50 6.40 9.38
C SER A 46 -4.73 5.58 9.77
N THR A 47 -4.52 4.52 10.54
CA THR A 47 -5.65 3.70 10.99
C THR A 47 -6.42 4.40 12.11
N THR A 48 -5.75 4.71 13.22
CA THR A 48 -6.41 5.44 14.31
C THR A 48 -6.31 6.96 14.05
N PRO A 49 -7.37 7.74 14.26
CA PRO A 49 -7.34 9.17 13.96
C PRO A 49 -6.61 9.95 15.07
N ALA A 50 -5.49 10.56 14.72
CA ALA A 50 -4.72 11.30 15.72
C ALA A 50 -5.28 12.71 15.88
N SER A 51 -5.74 13.03 17.09
CA SER A 51 -6.31 14.36 17.34
C SER A 51 -6.06 14.75 18.80
N ALA A 52 -5.60 15.98 19.00
CA ALA A 52 -5.31 16.49 20.35
C ALA A 52 -4.18 15.70 21.02
N GLU A 1 7.43 -17.73 2.63
CA GLU A 1 6.57 -17.16 1.59
C GLU A 1 5.94 -15.87 2.13
N ASP A 2 6.24 -14.75 1.49
CA ASP A 2 5.71 -13.46 1.95
C ASP A 2 5.23 -12.64 0.73
N PRO A 3 4.13 -11.90 0.84
CA PRO A 3 3.63 -11.08 -0.27
C PRO A 3 4.47 -9.80 -0.46
N LEU A 4 4.21 -9.10 -1.55
CA LEU A 4 4.92 -7.84 -1.80
C LEU A 4 4.30 -6.75 -0.92
N TYR A 5 5.07 -6.30 0.08
CA TYR A 5 4.54 -5.32 1.03
C TYR A 5 4.61 -3.92 0.41
N CYS A 6 3.51 -3.51 -0.21
CA CYS A 6 3.46 -2.30 -1.04
C CYS A 6 4.49 -1.20 -0.74
N GLN A 7 5.32 -0.88 -1.73
CA GLN A 7 6.34 0.16 -1.53
C GLN A 7 5.75 1.53 -1.87
N ALA A 8 4.99 2.09 -0.94
CA ALA A 8 4.37 3.40 -1.17
C ALA A 8 5.22 4.52 -0.56
N ILE A 9 4.97 5.75 -1.00
CA ILE A 9 5.79 6.89 -0.54
C ILE A 9 5.37 7.29 0.88
N GLY A 10 4.15 7.80 1.05
CA GLY A 10 3.71 8.21 2.38
C GLY A 10 2.73 7.21 2.98
N CYS A 11 3.19 5.97 3.17
CA CYS A 11 2.40 5.00 3.95
C CYS A 11 3.21 4.59 5.19
N PRO A 12 2.59 4.15 6.29
CA PRO A 12 3.33 3.82 7.52
C PRO A 12 4.41 2.75 7.37
N THR A 13 5.02 2.40 8.50
CA THR A 13 6.13 1.42 8.50
C THR A 13 5.70 0.08 7.89
N LEU A 14 6.62 -0.56 7.18
CA LEU A 14 6.32 -1.83 6.48
C LEU A 14 5.69 -2.87 7.42
N TYR A 15 6.39 -3.20 8.50
CA TYR A 15 5.83 -4.19 9.45
C TYR A 15 5.02 -3.49 10.56
N SER A 16 3.89 -2.93 10.17
CA SER A 16 2.97 -2.33 11.15
C SER A 16 1.54 -2.67 10.78
N GLU A 17 0.62 -2.56 11.74
CA GLU A 17 -0.78 -2.91 11.48
C GLU A 17 -1.45 -2.06 10.38
N ALA A 18 -1.05 -0.80 10.23
CA ALA A 18 -1.65 0.04 9.20
C ALA A 18 -1.18 -0.36 7.79
N ASN A 19 0.13 -0.42 7.55
CA ASN A 19 0.62 -0.78 6.21
C ASN A 19 0.36 -2.26 5.87
N LEU A 20 0.31 -3.14 6.85
CA LEU A 20 0.02 -4.56 6.57
C LEU A 20 -1.38 -4.76 5.96
N ALA A 21 -2.38 -4.01 6.44
CA ALA A 21 -3.70 -4.05 5.80
C ALA A 21 -3.70 -3.47 4.38
N VAL A 22 -2.90 -2.43 4.13
CA VAL A 22 -2.75 -1.89 2.77
C VAL A 22 -2.15 -2.94 1.82
N SER A 23 -1.06 -3.57 2.24
CA SER A 23 -0.44 -4.62 1.41
C SER A 23 -1.35 -5.85 1.23
N LYS A 24 -2.21 -6.15 2.20
CA LYS A 24 -3.06 -7.33 2.11
C LYS A 24 -4.01 -7.28 0.90
N GLU A 25 -4.80 -6.21 0.77
CA GLU A 25 -5.69 -6.11 -0.40
C GLU A 25 -4.86 -5.78 -1.66
N CYS A 26 -4.22 -4.62 -1.70
CA CYS A 26 -3.50 -4.18 -2.91
C CYS A 26 -2.74 -5.25 -3.70
N ARG A 27 -2.04 -6.12 -3.00
CA ARG A 27 -1.32 -7.25 -3.64
C ARG A 27 -2.15 -8.07 -4.65
N ASP A 28 -3.47 -8.15 -4.47
CA ASP A 28 -4.30 -8.95 -5.38
C ASP A 28 -4.21 -8.57 -6.86
N GLN A 29 -3.98 -7.29 -7.18
CA GLN A 29 -3.88 -6.88 -8.59
C GLN A 29 -2.65 -6.00 -8.78
N GLY A 30 -1.76 -6.42 -9.67
CA GLY A 30 -0.59 -5.60 -10.02
C GLY A 30 0.76 -6.30 -9.81
N LYS A 31 0.76 -7.63 -9.81
CA LYS A 31 1.95 -8.44 -9.46
C LYS A 31 3.33 -7.75 -9.50
N LEU A 32 3.84 -7.45 -10.70
CA LEU A 32 5.15 -6.83 -10.81
C LEU A 32 5.19 -5.85 -11.99
N GLY A 33 6.22 -4.99 -12.02
CA GLY A 33 6.34 -4.03 -13.12
C GLY A 33 5.65 -2.72 -12.75
N ASP A 34 4.33 -2.69 -12.89
CA ASP A 34 3.56 -1.56 -12.36
C ASP A 34 3.06 -2.00 -10.99
N ASP A 35 3.89 -1.78 -9.98
CA ASP A 35 3.46 -2.12 -8.61
C ASP A 35 2.32 -1.19 -8.22
N PHE A 36 1.18 -1.80 -7.96
CA PHE A 36 -0.06 -1.10 -7.54
C PHE A 36 0.15 0.21 -6.76
N HIS A 37 0.34 1.29 -7.52
CA HIS A 37 0.67 2.59 -6.93
C HIS A 37 -0.55 3.50 -6.68
N ARG A 38 -1.70 3.20 -7.28
CA ARG A 38 -2.93 3.91 -6.87
C ARG A 38 -3.63 3.24 -5.69
N CYS A 39 -3.58 1.92 -5.58
CA CYS A 39 -4.19 1.24 -4.43
C CYS A 39 -3.60 1.71 -3.09
N CYS A 40 -2.27 1.79 -3.00
CA CYS A 40 -1.63 2.16 -1.74
C CYS A 40 -1.69 3.68 -1.47
N GLU A 41 -1.42 4.50 -2.49
CA GLU A 41 -1.40 5.95 -2.28
C GLU A 41 -2.79 6.54 -1.97
N GLU A 42 -3.82 6.06 -2.65
CA GLU A 42 -5.17 6.59 -2.42
C GLU A 42 -5.75 6.17 -1.07
N GLN A 43 -5.64 4.90 -0.70
CA GLN A 43 -6.22 4.43 0.56
C GLN A 43 -5.29 4.81 1.74
N CYS A 44 -4.21 4.05 1.92
CA CYS A 44 -3.36 4.15 3.12
C CYS A 44 -3.46 5.45 3.95
N GLY A 45 -2.97 6.56 3.42
CA GLY A 45 -3.06 7.83 4.15
C GLY A 45 -4.35 8.57 3.79
N SER A 46 -5.38 8.36 4.59
CA SER A 46 -6.68 8.98 4.29
C SER A 46 -6.66 10.47 4.66
N THR A 47 -6.60 11.32 3.65
CA THR A 47 -6.54 12.77 3.91
C THR A 47 -7.95 13.37 3.92
N THR A 48 -8.69 13.24 2.82
CA THR A 48 -10.06 13.78 2.77
C THR A 48 -10.94 12.87 1.90
N PRO A 49 -12.21 12.66 2.23
CA PRO A 49 -13.08 11.78 1.44
C PRO A 49 -13.19 12.19 -0.03
N ALA A 50 -12.91 11.25 -0.93
CA ALA A 50 -12.97 11.55 -2.36
C ALA A 50 -14.41 11.49 -2.86
N SER A 51 -14.95 12.63 -3.24
CA SER A 51 -16.34 12.68 -3.72
C SER A 51 -16.50 13.85 -4.69
N ALA A 52 -17.16 13.58 -5.82
CA ALA A 52 -17.37 14.62 -6.84
C ALA A 52 -16.05 15.10 -7.44
N GLU A 1 -0.42 -14.65 -7.23
CA GLU A 1 -0.14 -13.24 -6.87
C GLU A 1 1.21 -13.16 -6.14
N ASP A 2 2.05 -12.22 -6.57
CA ASP A 2 3.35 -12.05 -5.92
C ASP A 2 3.24 -11.11 -4.70
N PRO A 3 4.00 -11.32 -3.62
CA PRO A 3 3.82 -10.55 -2.38
C PRO A 3 4.54 -9.20 -2.41
N LEU A 4 4.04 -8.28 -3.23
CA LEU A 4 4.63 -6.93 -3.26
C LEU A 4 3.80 -6.01 -2.35
N TYR A 5 4.35 -5.70 -1.19
CA TYR A 5 3.64 -4.87 -0.22
C TYR A 5 3.72 -3.39 -0.62
N CYS A 6 2.75 -2.61 -0.15
CA CYS A 6 2.75 -1.17 -0.42
C CYS A 6 3.91 -0.45 0.27
N GLN A 7 4.52 0.49 -0.45
CA GLN A 7 5.56 1.34 0.15
C GLN A 7 5.51 2.70 -0.54
N ALA A 8 4.54 3.52 -0.16
CA ALA A 8 4.39 4.84 -0.78
C ALA A 8 5.16 5.92 0.01
N ILE A 9 5.08 7.16 -0.45
CA ILE A 9 5.82 8.24 0.22
C ILE A 9 5.32 8.53 1.64
N GLY A 10 4.02 8.45 1.87
CA GLY A 10 3.49 8.63 3.24
C GLY A 10 2.54 7.49 3.62
N CYS A 11 2.94 6.25 3.37
CA CYS A 11 2.20 5.10 3.91
C CYS A 11 3.13 4.33 4.85
N PRO A 12 2.64 3.73 5.95
CA PRO A 12 3.49 2.96 6.86
C PRO A 12 4.37 1.91 6.19
N THR A 13 5.51 1.64 6.80
CA THR A 13 6.50 0.74 6.18
C THR A 13 6.12 -0.74 6.34
N LEU A 14 6.97 -1.62 5.83
CA LEU A 14 6.68 -3.07 5.89
C LEU A 14 6.48 -3.59 7.33
N TYR A 15 7.33 -3.16 8.26
CA TYR A 15 7.18 -3.62 9.66
C TYR A 15 6.18 -2.73 10.41
N SER A 16 4.90 -2.86 10.04
CA SER A 16 3.85 -2.10 10.73
C SER A 16 2.50 -2.79 10.48
N GLU A 17 1.66 -2.83 11.50
CA GLU A 17 0.36 -3.50 11.36
C GLU A 17 -0.56 -2.85 10.31
N ALA A 18 -0.49 -1.53 10.18
CA ALA A 18 -1.34 -0.86 9.18
C ALA A 18 -0.99 -1.22 7.73
N ASN A 19 0.29 -1.36 7.40
CA ASN A 19 0.66 -1.66 6.01
C ASN A 19 0.20 -3.05 5.53
N LEU A 20 0.08 -4.03 6.42
CA LEU A 20 -0.47 -5.34 6.02
C LEU A 20 -1.92 -5.22 5.51
N ALA A 21 -2.73 -4.39 6.14
CA ALA A 21 -4.08 -4.12 5.62
C ALA A 21 -4.07 -3.38 4.27
N VAL A 22 -3.08 -2.54 4.04
CA VAL A 22 -2.96 -1.85 2.74
C VAL A 22 -2.55 -2.85 1.64
N SER A 23 -1.55 -3.68 1.90
CA SER A 23 -1.18 -4.73 0.93
C SER A 23 -2.30 -5.74 0.70
N LYS A 24 -3.09 -6.06 1.73
CA LYS A 24 -4.25 -6.95 1.52
C LYS A 24 -5.22 -6.41 0.46
N GLU A 25 -5.40 -5.10 0.41
CA GLU A 25 -6.28 -4.48 -0.60
C GLU A 25 -5.61 -4.44 -1.98
N CYS A 26 -4.44 -3.83 -2.08
CA CYS A 26 -3.80 -3.66 -3.40
C CYS A 26 -3.14 -4.94 -3.93
N ARG A 27 -2.27 -5.56 -3.12
CA ARG A 27 -1.49 -6.72 -3.59
C ARG A 27 -2.35 -7.92 -4.04
N ASP A 28 -3.57 -8.08 -3.50
CA ASP A 28 -4.43 -9.20 -3.90
C ASP A 28 -4.58 -9.41 -5.42
N GLN A 29 -4.48 -8.34 -6.22
CA GLN A 29 -4.49 -8.50 -7.68
C GLN A 29 -3.26 -9.30 -8.15
N GLY A 30 -2.06 -8.78 -7.88
CA GLY A 30 -0.85 -9.55 -8.19
C GLY A 30 -0.15 -9.03 -9.44
N LYS A 31 0.79 -8.12 -9.26
CA LYS A 31 1.58 -7.63 -10.39
C LYS A 31 2.90 -7.06 -9.86
N LEU A 32 4.01 -7.57 -10.40
CA LEU A 32 5.33 -7.15 -9.89
C LEU A 32 5.79 -5.82 -10.49
N GLY A 33 6.83 -5.24 -9.90
CA GLY A 33 7.37 -3.97 -10.41
C GLY A 33 6.86 -2.79 -9.58
N ASP A 34 6.05 -1.95 -10.20
CA ASP A 34 5.46 -0.82 -9.46
C ASP A 34 4.02 -0.56 -9.93
N ASP A 35 3.23 -1.63 -10.02
CA ASP A 35 1.84 -1.48 -10.49
C ASP A 35 0.82 -1.29 -9.34
N PHE A 36 1.30 -1.18 -8.10
CA PHE A 36 0.39 -0.76 -7.02
C PHE A 36 0.52 0.74 -6.66
N HIS A 37 1.52 1.44 -7.20
CA HIS A 37 1.77 2.84 -6.82
C HIS A 37 0.51 3.69 -6.53
N ARG A 38 -0.42 3.74 -7.49
CA ARG A 38 -1.63 4.56 -7.33
C ARG A 38 -2.61 3.96 -6.30
N CYS A 39 -2.76 2.64 -6.28
CA CYS A 39 -3.58 1.99 -5.25
C CYS A 39 -3.03 2.20 -3.83
N CYS A 40 -1.71 2.15 -3.67
CA CYS A 40 -1.10 2.36 -2.36
C CYS A 40 -1.33 3.77 -1.80
N GLU A 41 -1.10 4.81 -2.62
CA GLU A 41 -1.23 6.18 -2.11
C GLU A 41 -2.69 6.61 -1.85
N GLU A 42 -3.64 6.07 -2.60
CA GLU A 42 -5.06 6.39 -2.33
C GLU A 42 -5.55 5.64 -1.10
N GLN A 43 -5.55 4.32 -1.14
CA GLN A 43 -5.96 3.54 0.04
C GLN A 43 -4.74 3.36 0.95
N CYS A 44 -4.65 4.22 1.96
CA CYS A 44 -3.67 4.02 3.05
C CYS A 44 -3.68 5.27 3.93
N GLY A 45 -3.42 5.08 5.21
CA GLY A 45 -3.38 6.22 6.13
C GLY A 45 -2.09 7.04 5.97
N SER A 46 -2.21 8.35 6.17
CA SER A 46 -1.04 9.23 6.05
C SER A 46 -1.08 10.30 7.15
N THR A 47 -2.08 11.17 7.12
CA THR A 47 -2.21 12.18 8.18
C THR A 47 -2.77 11.51 9.43
N THR A 48 -2.03 11.65 10.54
CA THR A 48 -2.29 10.87 11.77
C THR A 48 -3.65 10.16 11.88
N PRO A 49 -3.73 8.87 11.56
CA PRO A 49 -5.02 8.16 11.51
C PRO A 49 -5.42 7.68 12.91
N ALA A 50 -6.38 8.36 13.52
CA ALA A 50 -6.81 7.97 14.87
C ALA A 50 -7.83 6.84 14.80
N SER A 51 -7.43 5.65 15.24
CA SER A 51 -8.35 4.50 15.21
C SER A 51 -9.09 4.41 16.55
N ALA A 52 -10.36 4.80 16.53
CA ALA A 52 -11.20 4.78 17.75
C ALA A 52 -10.65 5.75 18.80
N GLU A 1 8.67 -16.37 0.87
CA GLU A 1 8.48 -14.99 1.36
C GLU A 1 8.48 -14.03 0.17
N ASP A 2 7.51 -13.13 0.15
CA ASP A 2 7.42 -12.15 -0.95
C ASP A 2 7.46 -10.74 -0.36
N PRO A 3 8.59 -10.03 -0.37
CA PRO A 3 8.70 -8.73 0.27
C PRO A 3 8.22 -7.61 -0.67
N LEU A 4 6.92 -7.37 -0.68
CA LEU A 4 6.37 -6.31 -1.54
C LEU A 4 5.15 -5.69 -0.84
N TYR A 5 5.41 -4.93 0.21
CA TYR A 5 4.33 -4.39 1.04
C TYR A 5 4.15 -2.90 0.74
N CYS A 6 3.22 -2.61 -0.16
CA CYS A 6 2.96 -1.23 -0.67
C CYS A 6 3.70 -0.09 0.06
N GLN A 7 4.90 0.25 -0.41
CA GLN A 7 5.72 1.21 0.33
C GLN A 7 6.15 2.38 -0.56
N ALA A 8 5.22 3.29 -0.82
CA ALA A 8 5.58 4.55 -1.48
C ALA A 8 5.78 5.64 -0.42
N ILE A 9 5.97 6.88 -0.86
CA ILE A 9 6.15 7.99 0.09
C ILE A 9 4.82 8.33 0.76
N GLY A 10 4.66 7.88 2.00
CA GLY A 10 3.38 8.04 2.69
C GLY A 10 3.04 6.77 3.45
N CYS A 11 2.46 5.80 2.73
CA CYS A 11 1.97 4.54 3.32
C CYS A 11 2.73 4.02 4.55
N PRO A 12 2.09 3.38 5.54
CA PRO A 12 2.76 2.99 6.78
C PRO A 12 3.97 2.05 6.59
N THR A 13 4.79 1.97 7.63
CA THR A 13 5.98 1.12 7.56
C THR A 13 5.62 -0.37 7.48
N LEU A 14 6.58 -1.21 7.12
CA LEU A 14 6.30 -2.63 6.90
C LEU A 14 5.70 -3.30 8.15
N TYR A 15 6.38 -3.21 9.28
CA TYR A 15 5.88 -3.86 10.51
C TYR A 15 4.92 -2.94 11.26
N SER A 16 3.68 -2.87 10.77
CA SER A 16 2.66 -2.07 11.44
C SER A 16 1.28 -2.66 11.14
N GLU A 17 0.35 -2.50 12.07
CA GLU A 17 -0.99 -3.11 11.90
C GLU A 17 -1.74 -2.63 10.65
N ALA A 18 -1.66 -1.32 10.36
CA ALA A 18 -2.32 -0.81 9.15
C ALA A 18 -1.71 -1.33 7.84
N ASN A 19 -0.40 -1.54 7.81
CA ASN A 19 0.26 -2.00 6.57
C ASN A 19 -0.19 -3.40 6.12
N LEU A 20 -0.49 -4.31 7.04
CA LEU A 20 -0.95 -5.65 6.63
C LEU A 20 -2.25 -5.59 5.81
N ALA A 21 -3.20 -4.75 6.20
CA ALA A 21 -4.42 -4.59 5.39
C ALA A 21 -4.14 -3.98 4.00
N VAL A 22 -3.23 -3.02 3.92
CA VAL A 22 -2.89 -2.41 2.62
C VAL A 22 -2.21 -3.42 1.68
N SER A 23 -1.16 -4.07 2.16
CA SER A 23 -0.45 -5.05 1.31
C SER A 23 -1.30 -6.28 0.98
N LYS A 24 -2.22 -6.69 1.86
CA LYS A 24 -3.09 -7.83 1.54
C LYS A 24 -3.85 -7.66 0.22
N GLU A 25 -4.37 -6.46 -0.03
CA GLU A 25 -5.12 -6.22 -1.27
C GLU A 25 -4.20 -6.06 -2.48
N CYS A 26 -3.22 -5.15 -2.42
CA CYS A 26 -2.40 -4.86 -3.61
C CYS A 26 -1.31 -5.91 -3.90
N ARG A 27 -0.67 -6.46 -2.87
CA ARG A 27 0.33 -7.52 -3.10
C ARG A 27 -0.28 -8.84 -3.61
N ASP A 28 -1.54 -9.11 -3.27
CA ASP A 28 -2.22 -10.24 -3.92
C ASP A 28 -2.88 -9.81 -5.23
N GLN A 29 -3.83 -8.87 -5.18
CA GLN A 29 -4.53 -8.47 -6.41
C GLN A 29 -3.82 -7.26 -7.03
N GLY A 30 -3.33 -7.45 -8.25
CA GLY A 30 -2.64 -6.35 -8.95
C GLY A 30 -1.13 -6.39 -8.77
N LYS A 31 -0.53 -7.58 -8.74
CA LYS A 31 0.93 -7.67 -8.66
C LYS A 31 1.51 -7.77 -10.08
N LEU A 32 1.45 -6.67 -10.82
CA LEU A 32 1.92 -6.69 -12.23
C LEU A 32 2.71 -5.41 -12.56
N GLY A 33 3.60 -4.99 -11.67
CA GLY A 33 4.47 -3.85 -11.98
C GLY A 33 3.77 -2.51 -11.77
N ASP A 34 3.04 -2.06 -12.78
CA ASP A 34 2.38 -0.74 -12.70
C ASP A 34 1.05 -0.86 -11.97
N ASP A 35 1.11 -0.74 -10.65
CA ASP A 35 -0.09 -0.88 -9.82
C ASP A 35 0.19 -0.36 -8.40
N PHE A 36 1.38 -0.62 -7.89
CA PHE A 36 1.69 -0.27 -6.50
C PHE A 36 1.87 1.25 -6.28
N HIS A 37 2.27 2.01 -7.30
CA HIS A 37 2.39 3.46 -7.11
C HIS A 37 1.03 4.11 -6.85
N ARG A 38 0.03 3.81 -7.68
CA ARG A 38 -1.33 4.32 -7.43
C ARG A 38 -1.98 3.71 -6.18
N CYS A 39 -1.68 2.45 -5.86
CA CYS A 39 -2.24 1.83 -4.65
C CYS A 39 -1.68 2.44 -3.36
N CYS A 40 -0.37 2.60 -3.26
CA CYS A 40 0.22 3.13 -2.02
C CYS A 40 -0.08 4.63 -1.84
N GLU A 41 0.01 5.41 -2.92
CA GLU A 41 -0.19 6.86 -2.81
C GLU A 41 -1.66 7.31 -2.73
N GLU A 42 -2.59 6.56 -3.33
CA GLU A 42 -4.01 6.92 -3.19
C GLU A 42 -4.71 6.08 -2.11
N GLN A 43 -4.76 4.76 -2.26
CA GLN A 43 -5.56 3.94 -1.35
C GLN A 43 -4.95 3.90 0.06
N CYS A 44 -3.83 3.20 0.21
CA CYS A 44 -3.22 2.95 1.54
C CYS A 44 -3.65 3.86 2.70
N GLY A 45 -3.21 5.11 2.70
CA GLY A 45 -3.62 6.04 3.76
C GLY A 45 -4.70 6.99 3.26
N SER A 46 -5.95 6.53 3.30
CA SER A 46 -7.04 7.37 2.80
C SER A 46 -7.56 8.28 3.91
N THR A 47 -7.51 9.59 3.66
CA THR A 47 -7.98 10.56 4.66
C THR A 47 -9.51 10.54 4.81
N THR A 48 -10.23 10.58 3.70
CA THR A 48 -11.70 10.50 3.77
C THR A 48 -12.17 9.54 2.66
N PRO A 49 -12.37 8.25 2.96
CA PRO A 49 -12.74 7.28 1.92
C PRO A 49 -14.25 7.34 1.62
N ALA A 50 -14.60 7.92 0.49
CA ALA A 50 -16.01 8.04 0.13
C ALA A 50 -16.52 6.75 -0.52
N SER A 51 -17.48 6.10 0.13
CA SER A 51 -18.02 4.84 -0.42
C SER A 51 -19.50 4.71 -0.04
N ALA A 52 -19.81 4.62 1.24
CA ALA A 52 -21.21 4.49 1.67
C ALA A 52 -21.80 5.87 1.95
N GLU A 1 9.24 -15.65 -3.93
CA GLU A 1 8.24 -14.59 -3.70
C GLU A 1 8.94 -13.36 -3.12
N ASP A 2 8.83 -12.24 -3.82
CA ASP A 2 9.42 -10.99 -3.31
C ASP A 2 8.37 -10.24 -2.48
N PRO A 3 8.70 -9.74 -1.29
CA PRO A 3 7.69 -9.12 -0.41
C PRO A 3 7.44 -7.65 -0.81
N LEU A 4 6.54 -7.46 -1.77
CA LEU A 4 6.22 -6.09 -2.21
C LEU A 4 4.97 -5.64 -1.45
N TYR A 5 5.14 -4.75 -0.48
CA TYR A 5 4.00 -4.31 0.33
C TYR A 5 4.06 -2.79 0.48
N CYS A 6 3.13 -2.11 -0.18
CA CYS A 6 3.04 -0.63 -0.18
C CYS A 6 3.88 0.13 0.88
N GLN A 7 4.81 0.95 0.41
CA GLN A 7 5.50 1.85 1.33
C GLN A 7 5.82 3.15 0.58
N ALA A 8 4.83 4.04 0.53
CA ALA A 8 5.03 5.32 -0.17
C ALA A 8 5.71 6.35 0.75
N ILE A 9 5.48 7.64 0.51
CA ILE A 9 6.18 8.67 1.30
C ILE A 9 5.62 8.72 2.72
N GLY A 10 4.32 8.98 2.86
CA GLY A 10 3.71 8.96 4.20
C GLY A 10 3.47 7.53 4.70
N CYS A 11 2.74 6.76 3.90
CA CYS A 11 2.26 5.42 4.31
C CYS A 11 3.14 4.66 5.31
N PRO A 12 2.58 3.97 6.31
CA PRO A 12 3.40 3.35 7.37
C PRO A 12 4.26 2.18 6.87
N THR A 13 5.06 1.63 7.77
CA THR A 13 6.00 0.57 7.37
C THR A 13 5.27 -0.76 7.12
N LEU A 14 5.86 -1.60 6.27
CA LEU A 14 5.20 -2.86 5.92
C LEU A 14 5.18 -3.93 7.03
N TYR A 15 5.79 -3.67 8.18
CA TYR A 15 5.66 -4.59 9.32
C TYR A 15 4.57 -4.14 10.33
N SER A 16 4.16 -2.87 10.32
CA SER A 16 3.12 -2.43 11.25
C SER A 16 1.73 -2.91 10.81
N GLU A 17 0.87 -3.20 11.77
CA GLU A 17 -0.42 -3.82 11.47
C GLU A 17 -1.27 -3.04 10.44
N ALA A 18 -1.31 -1.72 10.55
CA ALA A 18 -2.10 -0.92 9.60
C ALA A 18 -1.69 -1.11 8.13
N ASN A 19 -0.40 -1.25 7.87
CA ASN A 19 0.06 -1.41 6.47
C ASN A 19 -0.32 -2.77 5.87
N LEU A 20 -0.30 -3.85 6.65
CA LEU A 20 -0.60 -5.17 6.08
C LEU A 20 -2.02 -5.26 5.51
N ALA A 21 -2.98 -4.53 6.05
CA ALA A 21 -4.33 -4.50 5.45
C ALA A 21 -4.34 -3.83 4.07
N VAL A 22 -3.80 -2.62 3.98
CA VAL A 22 -3.78 -1.90 2.69
C VAL A 22 -2.85 -2.56 1.66
N SER A 23 -1.68 -3.03 2.09
CA SER A 23 -0.72 -3.60 1.15
C SER A 23 -1.08 -5.01 0.65
N LYS A 24 -1.68 -5.84 1.50
CA LYS A 24 -2.01 -7.21 1.09
C LYS A 24 -3.09 -7.27 -0.01
N GLU A 25 -4.00 -6.30 -0.06
CA GLU A 25 -5.02 -6.31 -1.11
C GLU A 25 -4.41 -6.24 -2.52
N CYS A 26 -3.54 -5.27 -2.77
CA CYS A 26 -2.89 -5.18 -4.09
C CYS A 26 -1.77 -6.21 -4.29
N ARG A 27 -1.05 -6.60 -3.24
CA ARG A 27 -0.04 -7.65 -3.41
C ARG A 27 -0.66 -9.01 -3.75
N ASP A 28 -1.74 -9.39 -3.06
CA ASP A 28 -2.41 -10.66 -3.37
C ASP A 28 -3.07 -10.65 -4.76
N GLN A 29 -3.76 -9.57 -5.10
CA GLN A 29 -4.35 -9.45 -6.44
C GLN A 29 -3.77 -8.21 -7.12
N GLY A 30 -2.80 -8.42 -7.99
CA GLY A 30 -2.11 -7.30 -8.62
C GLY A 30 -0.78 -7.71 -9.23
N LYS A 31 0.06 -8.34 -8.40
CA LYS A 31 1.48 -8.62 -8.75
C LYS A 31 1.87 -8.49 -10.23
N LEU A 32 2.48 -7.37 -10.58
CA LEU A 32 2.89 -7.15 -11.97
C LEU A 32 3.96 -6.05 -12.04
N GLY A 33 3.62 -4.84 -11.62
CA GLY A 33 4.55 -3.72 -11.76
C GLY A 33 3.79 -2.40 -11.79
N ASP A 34 3.04 -2.17 -12.85
CA ASP A 34 2.18 -0.98 -12.92
C ASP A 34 0.84 -1.30 -12.23
N ASP A 35 0.85 -1.13 -10.91
CA ASP A 35 -0.39 -1.15 -10.11
C ASP A 35 -0.02 -1.10 -8.60
N PHE A 36 1.23 -0.83 -8.26
CA PHE A 36 1.55 -0.53 -6.85
C PHE A 36 1.70 0.96 -6.59
N HIS A 37 2.13 1.75 -7.56
CA HIS A 37 2.24 3.20 -7.33
C HIS A 37 0.86 3.85 -7.21
N ARG A 38 -0.03 3.58 -8.16
CA ARG A 38 -1.41 4.09 -8.06
C ARG A 38 -2.20 3.45 -6.91
N CYS A 39 -2.05 2.15 -6.68
CA CYS A 39 -2.77 1.51 -5.57
C CYS A 39 -2.34 2.02 -4.19
N CYS A 40 -1.04 2.17 -3.95
CA CYS A 40 -0.59 2.65 -2.63
C CYS A 40 -1.10 4.07 -2.37
N GLU A 41 -0.68 5.04 -3.19
CA GLU A 41 -1.03 6.45 -2.95
C GLU A 41 -2.48 6.67 -2.51
N GLU A 42 -3.43 6.33 -3.39
CA GLU A 42 -4.85 6.62 -3.14
C GLU A 42 -5.32 6.49 -1.69
N GLN A 43 -5.23 5.29 -1.13
CA GLN A 43 -5.72 5.05 0.23
C GLN A 43 -4.65 5.24 1.32
N CYS A 44 -3.37 5.36 0.97
CA CYS A 44 -2.33 5.41 2.01
C CYS A 44 -1.17 6.30 1.55
N GLY A 45 -0.81 7.25 2.39
CA GLY A 45 0.31 8.14 2.06
C GLY A 45 -0.17 9.37 1.30
N SER A 46 0.07 9.40 0.00
CA SER A 46 -0.36 10.54 -0.81
C SER A 46 -1.78 10.32 -1.30
N THR A 47 -2.75 10.70 -0.48
CA THR A 47 -4.15 10.39 -0.81
C THR A 47 -4.69 11.35 -1.88
N THR A 48 -5.13 10.77 -2.99
CA THR A 48 -5.66 11.59 -4.09
C THR A 48 -7.19 11.68 -3.97
N PRO A 49 -7.79 12.87 -3.83
CA PRO A 49 -9.25 12.99 -3.68
C PRO A 49 -10.04 12.40 -4.85
N ALA A 50 -10.95 11.48 -4.54
CA ALA A 50 -11.77 10.87 -5.60
C ALA A 50 -13.04 10.31 -4.97
N SER A 51 -14.18 10.63 -5.58
CA SER A 51 -15.46 10.13 -5.06
C SER A 51 -15.80 8.78 -5.71
N ALA A 52 -15.43 7.70 -5.02
CA ALA A 52 -15.68 6.35 -5.55
C ALA A 52 -14.93 6.11 -6.86
N GLU A 1 5.05 -17.20 1.51
CA GLU A 1 4.52 -16.14 0.64
C GLU A 1 5.55 -15.03 0.45
N ASP A 2 5.41 -14.28 -0.63
CA ASP A 2 6.33 -13.15 -0.87
C ASP A 2 5.94 -11.94 -0.01
N PRO A 3 6.89 -11.10 0.42
CA PRO A 3 6.58 -9.97 1.30
C PRO A 3 5.94 -8.77 0.59
N LEU A 4 6.36 -8.51 -0.65
CA LEU A 4 6.03 -7.25 -1.36
C LEU A 4 4.90 -6.39 -0.78
N TYR A 5 5.30 -5.34 -0.07
CA TYR A 5 4.31 -4.47 0.58
C TYR A 5 3.98 -3.27 -0.32
N CYS A 6 2.85 -2.63 -0.05
CA CYS A 6 2.46 -1.45 -0.84
C CYS A 6 3.20 -0.22 -0.30
N GLN A 7 4.42 -0.01 -0.76
CA GLN A 7 5.27 1.05 -0.18
C GLN A 7 5.73 2.02 -1.26
N ALA A 8 4.85 2.91 -1.69
CA ALA A 8 5.27 3.97 -2.61
C ALA A 8 5.69 5.21 -1.81
N ILE A 9 4.87 6.26 -1.81
CA ILE A 9 5.33 7.54 -1.22
C ILE A 9 4.98 7.62 0.27
N GLY A 10 3.70 7.73 0.60
CA GLY A 10 3.31 7.98 1.99
C GLY A 10 3.22 6.70 2.83
N CYS A 11 2.49 5.72 2.32
CA CYS A 11 2.10 4.52 3.08
C CYS A 11 2.96 4.15 4.31
N PRO A 12 2.37 3.80 5.46
CA PRO A 12 3.13 3.46 6.67
C PRO A 12 4.18 2.36 6.48
N THR A 13 5.00 2.16 7.51
CA THR A 13 6.11 1.20 7.39
C THR A 13 5.62 -0.24 7.16
N LEU A 14 6.55 -1.10 6.74
CA LEU A 14 6.19 -2.45 6.30
C LEU A 14 5.40 -3.26 7.35
N TYR A 15 5.93 -3.36 8.56
CA TYR A 15 5.28 -4.21 9.57
C TYR A 15 4.43 -3.38 10.56
N SER A 16 3.54 -2.55 10.02
CA SER A 16 2.62 -1.79 10.88
C SER A 16 1.20 -2.35 10.76
N GLU A 17 0.33 -1.94 11.68
CA GLU A 17 -1.06 -2.42 11.64
C GLU A 17 -1.83 -1.89 10.43
N ALA A 18 -1.70 -0.60 10.12
CA ALA A 18 -2.40 -0.04 8.96
C ALA A 18 -1.88 -0.59 7.62
N ASN A 19 -0.57 -0.68 7.45
CA ASN A 19 -0.01 -1.22 6.21
C ASN A 19 -0.35 -2.71 5.99
N LEU A 20 -0.52 -3.49 7.05
CA LEU A 20 -0.82 -4.92 6.88
C LEU A 20 -2.11 -5.19 6.09
N ALA A 21 -3.17 -4.41 6.36
CA ALA A 21 -4.43 -4.62 5.62
C ALA A 21 -4.33 -4.24 4.15
N VAL A 22 -3.75 -3.09 3.84
CA VAL A 22 -3.62 -2.66 2.43
C VAL A 22 -2.61 -3.51 1.65
N SER A 23 -1.49 -3.86 2.27
CA SER A 23 -0.52 -4.77 1.64
C SER A 23 -1.04 -6.21 1.44
N LYS A 24 -2.05 -6.61 2.20
CA LYS A 24 -2.70 -7.90 1.92
C LYS A 24 -3.77 -7.81 0.81
N GLU A 25 -4.34 -6.64 0.55
CA GLU A 25 -5.18 -6.52 -0.67
C GLU A 25 -4.34 -6.19 -1.92
N CYS A 26 -3.48 -5.19 -1.87
CA CYS A 26 -2.72 -4.81 -3.08
C CYS A 26 -1.63 -5.83 -3.49
N ARG A 27 -1.07 -6.58 -2.55
CA ARG A 27 -0.18 -7.69 -2.92
C ARG A 27 -0.90 -8.84 -3.64
N ASP A 28 -2.20 -9.01 -3.38
CA ASP A 28 -2.97 -9.93 -4.24
C ASP A 28 -3.45 -9.24 -5.53
N GLN A 29 -3.96 -8.02 -5.44
CA GLN A 29 -4.25 -7.26 -6.67
C GLN A 29 -2.98 -6.54 -7.13
N GLY A 30 -2.03 -7.32 -7.63
CA GLY A 30 -0.74 -6.74 -8.04
C GLY A 30 -0.36 -7.26 -9.42
N LYS A 31 -0.10 -6.33 -10.34
CA LYS A 31 0.22 -6.72 -11.71
C LYS A 31 1.72 -7.07 -11.81
N LEU A 32 2.54 -6.16 -12.34
CA LEU A 32 3.98 -6.44 -12.45
C LEU A 32 4.76 -5.17 -12.11
N GLY A 33 4.84 -4.84 -10.82
CA GLY A 33 5.59 -3.65 -10.41
C GLY A 33 4.79 -2.36 -10.46
N ASP A 34 4.03 -2.15 -11.53
CA ASP A 34 3.31 -0.87 -11.70
C ASP A 34 2.19 -0.71 -10.66
N ASP A 35 1.13 -1.52 -10.78
CA ASP A 35 -0.08 -1.37 -9.94
C ASP A 35 0.09 -0.58 -8.63
N PHE A 36 0.87 -1.16 -7.71
CA PHE A 36 1.04 -0.61 -6.35
C PHE A 36 1.04 0.93 -6.25
N HIS A 37 1.80 1.58 -7.11
CA HIS A 37 1.98 3.05 -7.05
C HIS A 37 0.73 3.83 -6.60
N ARG A 38 -0.40 3.63 -7.27
CA ARG A 38 -1.64 4.30 -6.87
C ARG A 38 -2.10 3.80 -5.50
N CYS A 39 -2.39 2.49 -5.38
CA CYS A 39 -2.81 1.91 -4.09
C CYS A 39 -2.11 2.47 -2.84
N CYS A 40 -0.79 2.55 -2.87
CA CYS A 40 -0.06 3.00 -1.66
C CYS A 40 -0.22 4.50 -1.38
N GLU A 41 -0.29 5.32 -2.43
CA GLU A 41 -0.55 6.76 -2.23
C GLU A 41 -2.00 7.01 -1.80
N GLU A 42 -2.96 6.43 -2.53
CA GLU A 42 -4.37 6.63 -2.19
C GLU A 42 -4.75 5.70 -1.04
N GLN A 43 -5.34 4.53 -1.35
CA GLN A 43 -5.88 3.61 -0.32
C GLN A 43 -5.13 3.58 1.01
N CYS A 44 -3.82 3.33 0.95
CA CYS A 44 -3.02 3.21 2.18
C CYS A 44 -2.86 4.55 2.91
N GLY A 45 -2.26 5.54 2.27
CA GLY A 45 -2.00 6.82 2.95
C GLY A 45 -3.15 7.80 2.73
N SER A 46 -2.81 9.03 2.38
CA SER A 46 -3.84 10.05 2.15
C SER A 46 -3.28 11.15 1.23
N THR A 47 -4.13 11.67 0.37
CA THR A 47 -3.70 12.74 -0.55
C THR A 47 -4.79 13.80 -0.63
N THR A 48 -4.39 15.06 -0.49
CA THR A 48 -5.37 16.16 -0.59
C THR A 48 -5.52 16.60 -2.05
N PRO A 49 -6.73 16.87 -2.53
CA PRO A 49 -6.93 17.23 -3.94
C PRO A 49 -6.58 18.71 -4.19
N ALA A 50 -5.38 18.94 -4.69
CA ALA A 50 -4.96 20.33 -4.98
C ALA A 50 -3.82 20.30 -6.00
N SER A 51 -4.11 20.80 -7.19
CA SER A 51 -3.22 20.66 -8.36
C SER A 51 -1.77 20.23 -8.09
N ALA A 52 -1.45 19.00 -8.45
CA ALA A 52 -0.07 18.51 -8.25
C ALA A 52 0.25 17.47 -9.33
N GLU A 1 2.78 -16.47 -1.15
CA GLU A 1 3.58 -16.55 -2.38
C GLU A 1 4.32 -15.24 -2.62
N ASP A 2 3.59 -14.16 -2.91
CA ASP A 2 4.25 -12.88 -3.19
C ASP A 2 4.33 -12.05 -1.90
N PRO A 3 5.51 -11.60 -1.47
CA PRO A 3 5.62 -10.81 -0.24
C PRO A 3 5.27 -9.32 -0.45
N LEU A 4 5.85 -8.73 -1.50
CA LEU A 4 5.81 -7.27 -1.72
C LEU A 4 4.79 -6.44 -0.92
N TYR A 5 5.30 -5.70 0.06
CA TYR A 5 4.44 -4.79 0.83
C TYR A 5 4.58 -3.37 0.28
N CYS A 6 3.48 -2.65 0.18
CA CYS A 6 3.52 -1.31 -0.43
C CYS A 6 3.96 -0.26 0.59
N GLN A 7 5.26 0.03 0.63
CA GLN A 7 5.75 1.04 1.57
C GLN A 7 5.91 2.37 0.81
N ALA A 8 4.80 3.06 0.59
CA ALA A 8 4.87 4.37 -0.07
C ALA A 8 5.34 5.45 0.90
N ILE A 9 5.91 6.52 0.37
CA ILE A 9 6.40 7.61 1.23
C ILE A 9 5.21 8.36 1.85
N GLY A 10 5.03 8.21 3.15
CA GLY A 10 3.84 8.76 3.81
C GLY A 10 2.97 7.67 4.44
N CYS A 11 2.79 6.57 3.74
CA CYS A 11 1.94 5.47 4.26
C CYS A 11 2.74 4.61 5.26
N PRO A 12 2.09 3.71 6.01
CA PRO A 12 2.75 3.01 7.12
C PRO A 12 4.00 2.20 6.75
N THR A 13 4.89 2.05 7.73
CA THR A 13 6.16 1.36 7.48
C THR A 13 5.97 -0.17 7.43
N LEU A 14 6.97 -0.86 6.90
CA LEU A 14 6.85 -2.31 6.68
C LEU A 14 6.36 -3.12 7.89
N TYR A 15 6.96 -2.92 9.06
CA TYR A 15 6.60 -3.76 10.22
C TYR A 15 5.46 -3.15 11.06
N SER A 16 4.49 -2.51 10.43
CA SER A 16 3.37 -1.93 11.17
C SER A 16 2.08 -2.71 10.89
N GLU A 17 1.18 -2.72 11.86
CA GLU A 17 -0.10 -3.43 11.69
C GLU A 17 -0.97 -2.84 10.57
N ALA A 18 -0.90 -1.53 10.35
CA ALA A 18 -1.61 -0.93 9.21
C ALA A 18 -1.06 -1.46 7.88
N ASN A 19 0.24 -1.33 7.66
CA ASN A 19 0.87 -1.77 6.39
C ASN A 19 0.31 -3.07 5.77
N LEU A 20 0.04 -4.07 6.59
CA LEU A 20 -0.51 -5.34 6.07
C LEU A 20 -1.79 -5.16 5.22
N ALA A 21 -2.67 -4.24 5.59
CA ALA A 21 -3.90 -4.01 4.80
C ALA A 21 -3.62 -3.31 3.47
N VAL A 22 -2.78 -2.28 3.46
CA VAL A 22 -2.42 -1.60 2.20
C VAL A 22 -1.64 -2.50 1.22
N SER A 23 -0.98 -3.54 1.72
CA SER A 23 -0.48 -4.57 0.79
C SER A 23 -1.61 -5.55 0.44
N LYS A 24 -2.26 -6.16 1.43
CA LYS A 24 -3.29 -7.18 1.15
C LYS A 24 -4.18 -6.91 -0.09
N GLU A 25 -4.80 -5.74 -0.12
CA GLU A 25 -5.71 -5.42 -1.24
C GLU A 25 -4.96 -5.03 -2.52
N CYS A 26 -3.95 -4.16 -2.43
CA CYS A 26 -3.18 -3.79 -3.62
C CYS A 26 -2.44 -4.98 -4.23
N ARG A 27 -1.70 -5.72 -3.40
CA ARG A 27 -0.93 -6.89 -3.87
C ARG A 27 -1.78 -7.94 -4.61
N ASP A 28 -3.04 -8.11 -4.21
CA ASP A 28 -3.93 -9.03 -4.92
C ASP A 28 -4.13 -8.66 -6.41
N GLN A 29 -4.04 -7.38 -6.75
CA GLN A 29 -4.15 -6.98 -8.16
C GLN A 29 -2.85 -7.30 -8.90
N GLY A 30 -2.83 -8.45 -9.56
CA GLY A 30 -1.62 -8.85 -10.30
C GLY A 30 -0.61 -9.56 -9.39
N LYS A 31 0.63 -9.11 -9.45
CA LYS A 31 1.69 -9.73 -8.63
C LYS A 31 2.92 -8.81 -8.57
N LEU A 32 3.46 -8.43 -9.73
CA LEU A 32 4.62 -7.54 -9.74
C LEU A 32 4.52 -6.63 -10.96
N GLY A 33 4.31 -5.34 -10.72
CA GLY A 33 4.20 -4.40 -11.84
C GLY A 33 3.92 -2.98 -11.36
N ASP A 34 3.55 -2.11 -12.31
CA ASP A 34 3.29 -0.70 -11.97
C ASP A 34 1.83 -0.42 -11.55
N ASP A 35 1.05 -1.45 -11.24
CA ASP A 35 -0.33 -1.22 -10.79
C ASP A 35 -0.40 -0.74 -9.33
N PHE A 36 0.58 -1.09 -8.51
CA PHE A 36 0.50 -0.79 -7.07
C PHE A 36 0.66 0.69 -6.73
N HIS A 37 1.34 1.47 -7.58
CA HIS A 37 1.56 2.88 -7.26
C HIS A 37 0.25 3.66 -7.12
N ARG A 38 -0.67 3.53 -8.08
CA ARG A 38 -1.98 4.19 -7.97
C ARG A 38 -2.80 3.65 -6.78
N CYS A 39 -2.74 2.35 -6.54
CA CYS A 39 -3.45 1.75 -5.39
C CYS A 39 -2.97 2.30 -4.04
N CYS A 40 -1.66 2.41 -3.85
CA CYS A 40 -1.14 2.96 -2.59
C CYS A 40 -1.31 4.49 -2.48
N GLU A 41 -1.32 5.20 -3.61
CA GLU A 41 -1.65 6.63 -3.60
C GLU A 41 -3.06 6.93 -3.05
N GLU A 42 -4.00 5.99 -3.17
CA GLU A 42 -5.25 6.15 -2.42
C GLU A 42 -5.02 5.41 -1.10
N GLN A 43 -5.50 4.17 -0.95
CA GLN A 43 -5.34 3.42 0.31
C GLN A 43 -4.01 3.68 1.03
N CYS A 44 -4.04 4.33 2.19
CA CYS A 44 -2.80 4.80 2.81
C CYS A 44 -3.00 5.03 4.31
N GLY A 45 -3.88 5.95 4.68
CA GLY A 45 -4.14 6.21 6.10
C GLY A 45 -5.31 7.18 6.23
N SER A 46 -5.01 8.46 6.22
CA SER A 46 -6.10 9.46 6.23
C SER A 46 -6.55 9.73 4.79
N THR A 47 -7.52 8.97 4.33
CA THR A 47 -7.97 9.09 2.94
C THR A 47 -9.49 8.86 2.86
N THR A 48 -9.94 7.66 3.22
CA THR A 48 -11.38 7.38 3.18
C THR A 48 -12.05 7.84 4.49
N PRO A 49 -13.21 8.50 4.45
CA PRO A 49 -13.85 9.03 5.66
C PRO A 49 -14.58 7.92 6.41
N ALA A 50 -14.03 7.52 7.55
CA ALA A 50 -14.64 6.45 8.33
C ALA A 50 -15.78 6.98 9.21
N SER A 51 -15.48 7.96 10.05
CA SER A 51 -16.40 8.43 11.13
C SER A 51 -17.87 8.01 11.03
N ALA A 52 -18.27 7.12 11.92
CA ALA A 52 -19.66 6.63 11.96
C ALA A 52 -20.03 5.85 10.70
N GLU A 1 2.21 -14.97 5.14
CA GLU A 1 3.11 -14.40 6.15
C GLU A 1 3.37 -12.92 5.85
N ASP A 2 4.10 -12.64 4.78
CA ASP A 2 4.41 -11.25 4.43
C ASP A 2 3.92 -10.96 2.99
N PRO A 3 2.71 -10.43 2.81
CA PRO A 3 2.17 -10.20 1.47
C PRO A 3 2.70 -8.87 0.91
N LEU A 4 3.49 -8.96 -0.17
CA LEU A 4 4.25 -7.81 -0.70
C LEU A 4 3.83 -6.42 -0.20
N TYR A 5 4.69 -5.81 0.62
CA TYR A 5 4.31 -4.55 1.27
C TYR A 5 4.59 -3.36 0.33
N CYS A 6 3.61 -3.07 -0.53
CA CYS A 6 3.75 -2.02 -1.57
C CYS A 6 4.75 -0.90 -1.26
N GLN A 7 5.74 -0.73 -2.13
CA GLN A 7 6.74 0.32 -1.91
C GLN A 7 6.27 1.63 -2.58
N ALA A 8 5.36 2.33 -1.92
CA ALA A 8 4.87 3.60 -2.46
C ALA A 8 5.15 4.74 -1.46
N ILE A 9 5.25 5.96 -1.98
CA ILE A 9 5.63 7.08 -1.12
C ILE A 9 4.41 7.59 -0.34
N GLY A 10 4.31 7.18 0.92
CA GLY A 10 3.18 7.63 1.74
C GLY A 10 2.95 6.64 2.88
N CYS A 11 2.22 5.57 2.56
CA CYS A 11 1.74 4.61 3.56
C CYS A 11 2.68 4.34 4.76
N PRO A 12 2.17 3.99 5.95
CA PRO A 12 3.01 3.83 7.15
C PRO A 12 4.18 2.84 7.04
N THR A 13 4.84 2.61 8.17
CA THR A 13 6.04 1.75 8.21
C THR A 13 5.81 0.39 7.53
N LEU A 14 6.86 -0.13 6.90
CA LEU A 14 6.73 -1.36 6.10
C LEU A 14 6.15 -2.54 6.89
N TYR A 15 6.73 -2.85 8.06
CA TYR A 15 6.17 -3.92 8.89
C TYR A 15 5.34 -3.31 10.01
N SER A 16 4.09 -2.97 9.69
CA SER A 16 3.19 -2.42 10.71
C SER A 16 1.75 -2.92 10.48
N GLU A 17 0.87 -2.64 11.43
CA GLU A 17 -0.52 -3.07 11.29
C GLU A 17 -1.26 -2.35 10.16
N ALA A 18 -1.07 -1.03 10.03
CA ALA A 18 -1.72 -0.30 8.94
C ALA A 18 -1.18 -0.70 7.56
N ASN A 19 0.13 -0.81 7.42
CA ASN A 19 0.70 -1.27 6.13
C ASN A 19 0.34 -2.72 5.79
N LEU A 20 0.17 -3.58 6.80
CA LEU A 20 -0.28 -4.95 6.55
C LEU A 20 -1.70 -5.01 5.95
N ALA A 21 -2.62 -4.20 6.45
CA ALA A 21 -3.99 -4.20 5.91
C ALA A 21 -4.05 -3.75 4.44
N VAL A 22 -3.41 -2.63 4.12
CA VAL A 22 -3.40 -2.17 2.72
C VAL A 22 -2.71 -3.16 1.78
N SER A 23 -1.59 -3.75 2.18
CA SER A 23 -0.94 -4.76 1.35
C SER A 23 -1.77 -6.05 1.19
N LYS A 24 -2.58 -6.39 2.18
CA LYS A 24 -3.46 -7.57 2.07
C LYS A 24 -4.56 -7.40 1.01
N GLU A 25 -5.01 -6.17 0.75
CA GLU A 25 -5.84 -5.98 -0.45
C GLU A 25 -4.95 -5.73 -1.67
N CYS A 26 -4.18 -4.63 -1.68
CA CYS A 26 -3.38 -4.27 -2.88
C CYS A 26 -2.77 -5.44 -3.68
N ARG A 27 -2.11 -6.36 -2.98
CA ARG A 27 -1.45 -7.51 -3.64
C ARG A 27 -2.36 -8.31 -4.60
N ASP A 28 -3.66 -8.34 -4.36
CA ASP A 28 -4.58 -9.02 -5.28
C ASP A 28 -4.53 -8.50 -6.73
N GLN A 29 -4.19 -7.23 -6.93
CA GLN A 29 -4.01 -6.71 -8.29
C GLN A 29 -2.73 -7.27 -8.92
N GLY A 30 -2.50 -6.94 -10.18
CA GLY A 30 -1.36 -7.53 -10.91
C GLY A 30 0.00 -7.14 -10.34
N LYS A 31 0.75 -8.15 -9.91
CA LYS A 31 2.08 -7.89 -9.33
C LYS A 31 3.12 -7.76 -10.45
N LEU A 32 3.40 -6.54 -10.85
CA LEU A 32 4.37 -6.30 -11.93
C LEU A 32 5.62 -5.58 -11.39
N GLY A 33 5.43 -4.55 -10.57
CA GLY A 33 6.58 -3.80 -10.06
C GLY A 33 6.07 -2.59 -9.29
N ASP A 34 5.88 -1.48 -9.99
CA ASP A 34 5.25 -0.31 -9.36
C ASP A 34 3.77 -0.22 -9.78
N ASP A 35 3.07 -1.34 -9.76
CA ASP A 35 1.64 -1.35 -10.14
C ASP A 35 0.71 -1.26 -8.92
N PHE A 36 1.27 -1.12 -7.71
CA PHE A 36 0.42 -0.78 -6.55
C PHE A 36 0.46 0.71 -6.19
N HIS A 37 1.24 1.51 -6.92
CA HIS A 37 1.42 2.94 -6.63
C HIS A 37 0.19 3.67 -6.05
N ARG A 38 -0.94 3.60 -6.75
CA ARG A 38 -2.17 4.25 -6.26
C ARG A 38 -2.69 3.55 -4.99
N CYS A 39 -2.96 2.25 -5.07
CA CYS A 39 -3.53 1.52 -3.92
C CYS A 39 -2.99 1.85 -2.51
N CYS A 40 -1.69 2.09 -2.41
CA CYS A 40 -1.14 2.56 -1.13
C CYS A 40 -1.08 4.09 -0.94
N GLU A 41 -1.03 4.87 -2.00
CA GLU A 41 -1.14 6.34 -1.83
C GLU A 41 -2.56 6.89 -1.77
N GLU A 42 -3.54 6.21 -2.37
CA GLU A 42 -4.94 6.65 -2.22
C GLU A 42 -5.67 5.90 -1.11
N GLN A 43 -5.56 4.57 -1.05
CA GLN A 43 -6.09 3.86 0.12
C GLN A 43 -4.94 3.52 1.09
N CYS A 44 -4.41 4.55 1.75
CA CYS A 44 -3.51 4.32 2.91
C CYS A 44 -2.87 5.66 3.27
N GLY A 45 -1.91 6.11 2.47
CA GLY A 45 -1.23 7.38 2.76
C GLY A 45 -1.94 8.56 2.10
N SER A 46 -3.03 9.00 2.71
CA SER A 46 -3.79 10.13 2.14
C SER A 46 -4.43 10.93 3.28
N THR A 47 -3.95 12.15 3.45
CA THR A 47 -4.28 12.99 4.64
C THR A 47 -5.45 12.52 5.51
N THR A 48 -5.12 11.97 6.68
CA THR A 48 -6.16 11.51 7.60
C THR A 48 -5.68 11.81 9.04
N PRO A 49 -6.09 12.93 9.65
CA PRO A 49 -5.58 13.30 10.98
C PRO A 49 -6.35 12.57 12.09
N ALA A 50 -5.73 11.55 12.65
CA ALA A 50 -6.40 10.78 13.71
C ALA A 50 -6.22 11.46 15.06
N SER A 51 -7.29 12.10 15.54
CA SER A 51 -7.21 12.79 16.83
C SER A 51 -7.61 11.85 17.98
N ALA A 52 -8.82 11.31 17.93
CA ALA A 52 -9.25 10.39 19.00
C ALA A 52 -10.23 9.36 18.41
N GLU A 1 -0.81 -11.80 0.56
CA GLU A 1 -0.68 -12.99 -0.30
C GLU A 1 0.78 -13.13 -0.75
N ASP A 2 1.24 -12.25 -1.63
CA ASP A 2 2.64 -12.32 -2.07
C ASP A 2 3.56 -11.64 -1.04
N PRO A 3 4.84 -11.99 -0.97
CA PRO A 3 5.75 -11.38 0.01
C PRO A 3 6.23 -10.00 -0.47
N LEU A 4 5.41 -8.98 -0.24
CA LEU A 4 5.76 -7.64 -0.71
C LEU A 4 5.00 -6.60 0.12
N TYR A 5 5.75 -5.83 0.90
CA TYR A 5 5.14 -4.71 1.65
C TYR A 5 5.07 -3.49 0.73
N CYS A 6 4.05 -2.66 0.93
CA CYS A 6 3.84 -1.55 -0.01
C CYS A 6 4.68 -0.33 0.39
N GLN A 7 5.72 -0.06 -0.37
CA GLN A 7 6.58 1.10 -0.08
C GLN A 7 6.20 2.27 -1.00
N ALA A 8 5.13 2.98 -0.63
CA ALA A 8 4.68 4.11 -1.46
C ALA A 8 5.31 5.41 -0.97
N ILE A 9 4.61 6.53 -1.13
CA ILE A 9 5.04 7.78 -0.48
C ILE A 9 3.94 8.20 0.50
N GLY A 10 4.26 8.12 1.80
CA GLY A 10 3.28 8.50 2.82
C GLY A 10 2.40 7.34 3.27
N CYS A 11 2.97 6.15 3.39
CA CYS A 11 2.26 5.03 4.03
C CYS A 11 3.04 4.60 5.28
N PRO A 12 2.41 4.02 6.31
CA PRO A 12 3.12 3.62 7.53
C PRO A 12 4.29 2.64 7.31
N THR A 13 5.01 2.33 8.38
CA THR A 13 6.18 1.46 8.26
C THR A 13 5.81 0.09 7.71
N LEU A 14 6.75 -0.53 6.99
CA LEU A 14 6.44 -1.76 6.25
C LEU A 14 5.87 -2.88 7.12
N TYR A 15 6.49 -3.15 8.26
CA TYR A 15 6.01 -4.26 9.12
C TYR A 15 4.84 -3.90 10.03
N SER A 16 4.34 -2.66 10.00
CA SER A 16 3.18 -2.31 10.83
C SER A 16 1.88 -2.93 10.27
N GLU A 17 0.87 -3.01 11.13
CA GLU A 17 -0.42 -3.59 10.71
C GLU A 17 -1.15 -2.73 9.67
N ALA A 18 -1.00 -1.42 9.74
CA ALA A 18 -1.64 -0.54 8.73
C ALA A 18 -1.03 -0.73 7.33
N ASN A 19 0.29 -0.81 7.24
CA ASN A 19 0.92 -1.10 5.93
C ASN A 19 0.60 -2.52 5.43
N LEU A 20 0.52 -3.50 6.33
CA LEU A 20 0.14 -4.86 5.95
C LEU A 20 -1.29 -4.91 5.38
N ALA A 21 -2.23 -4.20 6.01
CA ALA A 21 -3.61 -4.18 5.50
C ALA A 21 -3.74 -3.57 4.11
N VAL A 22 -3.05 -2.46 3.83
CA VAL A 22 -3.12 -1.86 2.48
C VAL A 22 -2.40 -2.71 1.42
N SER A 23 -1.27 -3.32 1.76
CA SER A 23 -0.61 -4.25 0.83
C SER A 23 -1.48 -5.48 0.53
N LYS A 24 -2.23 -5.97 1.52
CA LYS A 24 -3.10 -7.13 1.30
C LYS A 24 -4.12 -6.92 0.16
N GLU A 25 -4.71 -5.73 0.06
CA GLU A 25 -5.61 -5.45 -1.07
C GLU A 25 -4.78 -5.39 -2.36
N CYS A 26 -3.89 -4.41 -2.47
CA CYS A 26 -3.09 -4.25 -3.71
C CYS A 26 -2.56 -5.56 -4.35
N ARG A 27 -2.05 -6.46 -3.52
CA ARG A 27 -1.48 -7.73 -4.03
C ARG A 27 -2.49 -8.67 -4.69
N ASP A 28 -3.76 -8.63 -4.28
CA ASP A 28 -4.75 -9.55 -4.87
C ASP A 28 -4.91 -9.45 -6.40
N GLN A 29 -4.60 -8.30 -6.98
CA GLN A 29 -4.65 -8.16 -8.45
C GLN A 29 -3.70 -9.14 -9.15
N GLY A 30 -2.45 -9.20 -8.72
CA GLY A 30 -1.50 -10.14 -9.32
C GLY A 30 -0.18 -9.44 -9.62
N LYS A 31 0.67 -9.35 -8.60
CA LYS A 31 1.87 -8.50 -8.62
C LYS A 31 2.32 -7.96 -10.00
N LEU A 32 1.99 -6.70 -10.26
CA LEU A 32 2.34 -6.09 -11.55
C LEU A 32 3.72 -5.43 -11.48
N GLY A 33 3.94 -4.55 -10.51
CA GLY A 33 5.16 -3.75 -10.47
C GLY A 33 4.78 -2.27 -10.42
N ASP A 34 4.32 -1.74 -11.55
CA ASP A 34 3.81 -0.36 -11.56
C ASP A 34 2.33 -0.34 -11.17
N ASP A 35 2.09 -0.55 -9.89
CA ASP A 35 0.70 -0.64 -9.39
C ASP A 35 0.65 -0.33 -7.89
N PHE A 36 1.63 -0.84 -7.14
CA PHE A 36 1.60 -0.69 -5.67
C PHE A 36 1.76 0.77 -5.20
N HIS A 37 2.50 1.59 -5.94
CA HIS A 37 2.64 2.99 -5.56
C HIS A 37 1.30 3.74 -5.64
N ARG A 38 0.62 3.66 -6.77
CA ARG A 38 -0.70 4.32 -6.89
C ARG A 38 -1.78 3.67 -6.02
N CYS A 39 -1.77 2.35 -5.92
CA CYS A 39 -2.73 1.64 -5.06
C CYS A 39 -2.68 2.14 -3.60
N CYS A 40 -1.50 2.15 -3.00
CA CYS A 40 -1.38 2.55 -1.60
C CYS A 40 -1.43 4.07 -1.40
N GLU A 41 -0.90 4.85 -2.34
CA GLU A 41 -0.88 6.31 -2.19
C GLU A 41 -2.26 6.96 -2.08
N GLU A 42 -3.29 6.37 -2.68
CA GLU A 42 -4.65 6.88 -2.43
C GLU A 42 -5.38 6.09 -1.32
N GLN A 43 -5.16 4.79 -1.21
CA GLN A 43 -5.83 4.04 -0.14
C GLN A 43 -5.15 4.32 1.21
N CYS A 44 -4.01 3.69 1.46
CA CYS A 44 -3.30 3.77 2.76
C CYS A 44 -3.68 4.92 3.71
N GLY A 45 -3.31 6.15 3.35
CA GLY A 45 -3.70 7.32 4.14
C GLY A 45 -4.77 8.12 3.40
N SER A 46 -4.30 8.98 2.50
CA SER A 46 -5.21 9.61 1.52
C SER A 46 -4.45 10.74 0.82
N THR A 47 -3.46 10.37 0.01
CA THR A 47 -2.68 11.39 -0.71
C THR A 47 -3.18 11.47 -2.15
N THR A 48 -3.28 12.68 -2.69
CA THR A 48 -3.71 12.85 -4.08
C THR A 48 -2.75 13.85 -4.75
N PRO A 49 -1.77 13.39 -5.54
CA PRO A 49 -0.77 14.29 -6.11
C PRO A 49 -1.30 14.95 -7.39
N ALA A 50 -1.55 16.25 -7.31
CA ALA A 50 -2.05 16.97 -8.48
C ALA A 50 -1.73 18.46 -8.32
N SER A 51 -0.96 19.00 -9.27
CA SER A 51 -0.60 20.42 -9.21
C SER A 51 -1.64 21.26 -9.95
N ALA A 52 -2.28 22.17 -9.21
CA ALA A 52 -3.33 23.03 -9.79
C ALA A 52 -4.52 22.21 -10.28
N GLU A 1 -1.02 -13.59 -4.05
CA GLU A 1 -0.02 -14.13 -4.98
C GLU A 1 1.30 -14.38 -4.25
N ASP A 2 2.01 -13.33 -3.86
CA ASP A 2 3.31 -13.51 -3.20
C ASP A 2 3.56 -12.31 -2.27
N PRO A 3 4.13 -12.49 -1.07
CA PRO A 3 4.38 -11.38 -0.15
C PRO A 3 5.21 -10.24 -0.74
N LEU A 4 4.56 -9.08 -0.92
CA LEU A 4 5.26 -7.91 -1.43
C LEU A 4 4.54 -6.68 -0.88
N TYR A 5 5.14 -6.08 0.15
CA TYR A 5 4.44 -5.03 0.90
C TYR A 5 4.87 -3.65 0.39
N CYS A 6 3.88 -2.81 0.12
CA CYS A 6 4.16 -1.52 -0.52
C CYS A 6 4.55 -0.45 0.50
N GLN A 7 5.85 -0.19 0.63
CA GLN A 7 6.29 0.94 1.45
C GLN A 7 6.59 2.12 0.53
N ALA A 8 5.56 2.89 0.21
CA ALA A 8 5.72 4.01 -0.72
C ALA A 8 6.27 5.25 0.02
N ILE A 9 5.89 6.44 -0.44
CA ILE A 9 6.18 7.66 0.36
C ILE A 9 4.83 8.25 0.75
N GLY A 10 4.41 8.01 1.98
CA GLY A 10 3.07 8.43 2.40
C GLY A 10 2.43 7.37 3.30
N CYS A 11 2.37 6.13 2.81
CA CYS A 11 1.80 5.04 3.61
C CYS A 11 2.81 4.57 4.67
N PRO A 12 2.40 3.86 5.74
CA PRO A 12 3.30 3.59 6.86
C PRO A 12 4.42 2.60 6.56
N THR A 13 5.19 2.25 7.60
CA THR A 13 6.26 1.26 7.43
C THR A 13 5.65 -0.14 7.30
N LEU A 14 6.28 -1.01 6.52
CA LEU A 14 5.70 -2.34 6.27
C LEU A 14 5.56 -3.24 7.51
N TYR A 15 6.29 -2.94 8.57
CA TYR A 15 6.16 -3.72 9.81
C TYR A 15 4.83 -3.44 10.55
N SER A 16 4.32 -2.21 10.44
CA SER A 16 3.03 -1.89 11.09
C SER A 16 1.86 -2.52 10.35
N GLU A 17 0.81 -2.85 11.09
CA GLU A 17 -0.36 -3.52 10.48
C GLU A 17 -1.14 -2.63 9.51
N ALA A 18 -1.05 -1.31 9.65
CA ALA A 18 -1.73 -0.41 8.71
C ALA A 18 -1.22 -0.56 7.28
N ASN A 19 0.10 -0.65 7.09
CA ASN A 19 0.63 -0.83 5.73
C ASN A 19 0.42 -2.26 5.21
N LEU A 20 0.37 -3.26 6.10
CA LEU A 20 0.12 -4.64 5.65
C LEU A 20 -1.27 -4.81 5.00
N ALA A 21 -2.31 -4.23 5.57
CA ALA A 21 -3.65 -4.36 4.99
C ALA A 21 -3.81 -3.66 3.63
N VAL A 22 -3.27 -2.45 3.51
CA VAL A 22 -3.34 -1.71 2.24
C VAL A 22 -2.49 -2.33 1.11
N SER A 23 -1.44 -3.07 1.47
CA SER A 23 -0.75 -3.88 0.45
C SER A 23 -1.41 -5.25 0.24
N LYS A 24 -2.08 -5.82 1.24
CA LYS A 24 -2.70 -7.15 1.07
C LYS A 24 -3.57 -7.26 -0.19
N GLU A 25 -4.39 -6.25 -0.48
CA GLU A 25 -5.10 -6.24 -1.76
C GLU A 25 -4.10 -6.09 -2.91
N CYS A 26 -3.38 -4.96 -2.94
CA CYS A 26 -2.45 -4.68 -4.05
C CYS A 26 -1.54 -5.83 -4.54
N ARG A 27 -1.10 -6.70 -3.62
CA ARG A 27 -0.37 -7.90 -4.05
C ARG A 27 -1.27 -9.08 -4.43
N ASP A 28 -2.36 -9.32 -3.71
CA ASP A 28 -3.26 -10.42 -4.08
C ASP A 28 -3.95 -10.13 -5.43
N GLN A 29 -4.66 -9.02 -5.52
CA GLN A 29 -5.26 -8.61 -6.79
C GLN A 29 -4.50 -7.40 -7.33
N GLY A 30 -3.44 -7.65 -8.09
CA GLY A 30 -2.64 -6.53 -8.60
C GLY A 30 -1.26 -6.94 -9.07
N LYS A 31 -0.48 -7.50 -8.15
CA LYS A 31 0.97 -7.73 -8.36
C LYS A 31 1.49 -7.65 -9.81
N LEU A 32 2.27 -6.63 -10.10
CA LEU A 32 2.81 -6.45 -11.45
C LEU A 32 4.12 -5.66 -11.43
N GLY A 33 4.12 -4.50 -10.78
CA GLY A 33 5.31 -3.64 -10.80
C GLY A 33 4.89 -2.20 -10.52
N ASP A 34 4.23 -1.57 -11.49
CA ASP A 34 3.66 -0.23 -11.26
C ASP A 34 2.51 -0.29 -10.25
N ASP A 35 1.56 -1.21 -10.48
CA ASP A 35 0.36 -1.37 -9.64
C ASP A 35 0.39 -0.77 -8.22
N PHE A 36 1.36 -1.18 -7.41
CA PHE A 36 1.40 -0.80 -5.99
C PHE A 36 1.30 0.71 -5.76
N HIS A 37 2.17 1.49 -6.39
CA HIS A 37 2.21 2.94 -6.13
C HIS A 37 0.84 3.61 -5.95
N ARG A 38 -0.01 3.56 -6.98
CA ARG A 38 -1.34 4.17 -6.87
C ARG A 38 -2.28 3.35 -5.98
N CYS A 39 -2.19 2.01 -6.03
CA CYS A 39 -3.02 1.17 -5.16
C CYS A 39 -2.89 1.52 -3.68
N CYS A 40 -1.67 1.61 -3.16
CA CYS A 40 -1.48 1.97 -1.75
C CYS A 40 -1.67 3.47 -1.50
N GLU A 41 -0.97 4.33 -2.24
CA GLU A 41 -1.04 5.78 -1.97
C GLU A 41 -2.47 6.34 -1.98
N GLU A 42 -3.33 5.85 -2.86
CA GLU A 42 -4.74 6.27 -2.84
C GLU A 42 -5.46 5.74 -1.60
N GLN A 43 -5.46 4.42 -1.40
CA GLN A 43 -6.18 3.84 -0.25
C GLN A 43 -5.26 3.71 0.97
N CYS A 44 -4.68 4.81 1.41
CA CYS A 44 -3.80 4.78 2.60
C CYS A 44 -3.52 6.21 3.08
N GLY A 45 -2.88 7.01 2.24
CA GLY A 45 -2.61 8.41 2.60
C GLY A 45 -2.51 9.26 1.35
N SER A 46 -3.66 9.68 0.84
CA SER A 46 -3.68 10.40 -0.44
C SER A 46 -3.58 11.91 -0.23
N THR A 47 -2.66 12.54 -0.94
CA THR A 47 -2.54 14.01 -0.88
C THR A 47 -3.70 14.70 -1.62
N THR A 48 -4.12 14.15 -2.75
CA THR A 48 -5.29 14.70 -3.45
C THR A 48 -6.20 13.52 -3.83
N PRO A 49 -7.24 13.20 -3.04
CA PRO A 49 -8.09 12.04 -3.30
C PRO A 49 -8.80 12.07 -4.66
N ALA A 50 -9.06 10.89 -5.21
CA ALA A 50 -9.77 10.82 -6.49
C ALA A 50 -10.53 9.49 -6.58
N SER A 51 -9.82 8.37 -6.64
CA SER A 51 -10.48 7.06 -6.71
C SER A 51 -10.75 6.54 -5.31
N ALA A 52 -11.88 5.85 -5.14
CA ALA A 52 -12.21 5.29 -3.82
C ALA A 52 -11.61 3.89 -3.67
N GLU A 1 1.07 -16.05 -1.86
CA GLU A 1 1.96 -16.70 -2.84
C GLU A 1 3.40 -16.19 -2.71
N ASP A 2 3.61 -14.87 -2.75
CA ASP A 2 4.97 -14.33 -2.61
C ASP A 2 4.93 -13.11 -1.70
N PRO A 3 5.96 -12.85 -0.89
CA PRO A 3 5.98 -11.69 0.00
C PRO A 3 6.26 -10.41 -0.79
N LEU A 4 5.35 -9.45 -0.71
CA LEU A 4 5.51 -8.21 -1.47
C LEU A 4 4.93 -7.07 -0.64
N TYR A 5 5.82 -6.25 -0.07
CA TYR A 5 5.37 -5.07 0.66
C TYR A 5 5.39 -3.86 -0.27
N CYS A 6 4.41 -2.99 -0.14
CA CYS A 6 4.24 -1.90 -1.10
C CYS A 6 5.25 -0.78 -0.88
N GLN A 7 5.85 -0.30 -1.96
CA GLN A 7 6.77 0.84 -1.86
C GLN A 7 5.95 2.12 -2.02
N ALA A 8 5.35 2.56 -0.92
CA ALA A 8 4.53 3.78 -0.95
C ALA A 8 5.30 4.93 -0.31
N ILE A 9 5.13 6.13 -0.86
CA ILE A 9 5.86 7.30 -0.34
C ILE A 9 5.32 7.81 1.01
N GLY A 10 4.05 7.56 1.31
CA GLY A 10 3.51 8.01 2.60
C GLY A 10 2.53 6.99 3.19
N CYS A 11 3.01 5.78 3.44
CA CYS A 11 2.22 4.82 4.22
C CYS A 11 2.98 4.50 5.53
N PRO A 12 2.32 4.06 6.61
CA PRO A 12 3.01 3.87 7.90
C PRO A 12 4.17 2.86 7.89
N THR A 13 4.78 2.67 9.06
CA THR A 13 5.98 1.82 9.15
C THR A 13 5.69 0.35 8.78
N LEU A 14 6.75 -0.40 8.51
CA LEU A 14 6.60 -1.75 7.96
C LEU A 14 5.74 -2.69 8.84
N TYR A 15 6.04 -2.79 10.13
CA TYR A 15 5.32 -3.76 10.97
C TYR A 15 4.12 -3.12 11.69
N SER A 16 3.27 -2.43 10.93
CA SER A 16 2.09 -1.80 11.53
C SER A 16 0.82 -2.48 11.00
N GLU A 17 -0.33 -2.17 11.61
CA GLU A 17 -1.59 -2.72 11.12
C GLU A 17 -2.00 -2.14 9.75
N ALA A 18 -1.80 -0.84 9.56
CA ALA A 18 -2.14 -0.22 8.27
C ALA A 18 -1.20 -0.68 7.13
N ASN A 19 0.10 -0.74 7.38
CA ASN A 19 1.03 -1.24 6.35
C ASN A 19 0.81 -2.72 6.01
N LEU A 20 0.39 -3.53 6.98
CA LEU A 20 0.09 -4.94 6.69
C LEU A 20 -1.14 -5.09 5.77
N ALA A 21 -2.19 -4.30 5.99
CA ALA A 21 -3.36 -4.39 5.11
C ALA A 21 -3.05 -3.89 3.70
N VAL A 22 -2.69 -2.61 3.56
CA VAL A 22 -2.48 -2.00 2.23
C VAL A 22 -1.74 -2.89 1.21
N SER A 23 -0.64 -3.49 1.64
CA SER A 23 0.17 -4.33 0.73
C SER A 23 -0.52 -5.64 0.37
N LYS A 24 -1.16 -6.29 1.33
CA LYS A 24 -1.86 -7.55 1.05
C LYS A 24 -3.00 -7.41 0.04
N GLU A 25 -3.76 -6.31 0.09
CA GLU A 25 -4.82 -6.11 -0.91
C GLU A 25 -4.19 -5.90 -2.29
N CYS A 26 -3.43 -4.82 -2.46
CA CYS A 26 -2.78 -4.53 -3.75
C CYS A 26 -2.11 -5.75 -4.43
N ARG A 27 -1.46 -6.58 -3.63
CA ARG A 27 -0.78 -7.79 -4.14
C ARG A 27 -1.72 -8.73 -4.90
N ASP A 28 -2.89 -9.02 -4.34
CA ASP A 28 -3.82 -9.94 -4.99
C ASP A 28 -4.39 -9.33 -6.29
N GLN A 29 -5.02 -8.17 -6.20
CA GLN A 29 -5.46 -7.48 -7.43
C GLN A 29 -4.40 -6.42 -7.80
N GLY A 30 -3.35 -6.86 -8.47
CA GLY A 30 -2.29 -5.93 -8.90
C GLY A 30 -0.89 -6.53 -8.77
N LYS A 31 -0.72 -7.80 -9.11
CA LYS A 31 0.60 -8.42 -9.06
C LYS A 31 1.33 -8.17 -10.39
N LEU A 32 1.94 -6.99 -10.51
CA LEU A 32 2.55 -6.61 -11.80
C LEU A 32 3.90 -5.92 -11.57
N GLY A 33 3.89 -4.81 -10.83
CA GLY A 33 5.12 -4.01 -10.70
C GLY A 33 4.78 -2.52 -10.79
N ASP A 34 4.38 -2.08 -11.97
CA ASP A 34 3.92 -0.69 -12.13
C ASP A 34 2.42 -0.62 -11.86
N ASP A 35 2.07 -0.63 -10.58
CA ASP A 35 0.67 -0.63 -10.18
C ASP A 35 0.61 -0.17 -8.72
N PHE A 36 1.33 -0.91 -7.87
CA PHE A 36 1.28 -0.69 -6.41
C PHE A 36 1.23 0.77 -5.93
N HIS A 37 1.97 1.66 -6.57
CA HIS A 37 2.00 3.06 -6.12
C HIS A 37 0.62 3.71 -6.09
N ARG A 38 -0.16 3.57 -7.16
CA ARG A 38 -1.52 4.12 -7.17
C ARG A 38 -2.45 3.38 -6.19
N CYS A 39 -2.34 2.05 -6.12
CA CYS A 39 -3.14 1.28 -5.15
C CYS A 39 -2.88 1.68 -3.70
N CYS A 40 -1.61 1.83 -3.33
CA CYS A 40 -1.26 2.11 -1.93
C CYS A 40 -1.51 3.57 -1.53
N GLU A 41 -1.19 4.52 -2.40
CA GLU A 41 -1.43 5.94 -2.07
C GLU A 41 -2.92 6.30 -2.00
N GLU A 42 -3.77 5.62 -2.77
CA GLU A 42 -5.21 5.91 -2.71
C GLU A 42 -5.83 5.47 -1.37
N GLN A 43 -5.55 4.24 -0.93
CA GLN A 43 -6.13 3.76 0.33
C GLN A 43 -5.30 4.24 1.53
N CYS A 44 -4.01 3.93 1.56
CA CYS A 44 -3.18 4.29 2.71
C CYS A 44 -2.63 5.71 2.56
N GLY A 45 -2.45 6.38 3.70
CA GLY A 45 -1.89 7.73 3.68
C GLY A 45 -2.99 8.79 3.55
N SER A 46 -3.72 9.03 4.63
CA SER A 46 -4.78 10.03 4.60
C SER A 46 -4.24 11.40 5.06
N THR A 47 -3.84 11.49 6.33
CA THR A 47 -3.52 12.78 6.97
C THR A 47 -3.33 14.01 6.07
N THR A 48 -4.35 14.88 6.08
CA THR A 48 -4.19 16.23 5.50
C THR A 48 -5.61 16.85 5.44
N PRO A 49 -5.81 18.12 5.81
CA PRO A 49 -7.14 18.74 5.73
C PRO A 49 -7.78 18.66 4.34
N ALA A 50 -8.98 18.07 4.29
CA ALA A 50 -9.67 17.95 2.99
C ALA A 50 -11.16 17.76 3.24
N SER A 51 -11.95 18.63 2.62
CA SER A 51 -13.40 18.75 2.91
C SER A 51 -14.08 17.60 3.68
N ALA A 52 -14.28 16.46 3.01
CA ALA A 52 -14.98 15.32 3.64
C ALA A 52 -16.42 15.69 4.00
N GLU A 1 2.61 -17.39 -3.41
CA GLU A 1 2.74 -16.42 -2.31
C GLU A 1 4.20 -15.98 -2.17
N ASP A 2 4.40 -14.69 -1.89
CA ASP A 2 5.76 -14.16 -1.77
C ASP A 2 5.75 -12.92 -0.87
N PRO A 3 6.83 -12.66 -0.11
CA PRO A 3 6.86 -11.52 0.82
C PRO A 3 7.16 -10.21 0.07
N LEU A 4 6.09 -9.52 -0.32
CA LEU A 4 6.26 -8.26 -1.07
C LEU A 4 5.04 -7.38 -0.78
N TYR A 5 5.27 -6.23 -0.16
CA TYR A 5 4.16 -5.35 0.21
C TYR A 5 4.48 -3.92 -0.25
N CYS A 6 3.48 -3.04 -0.27
CA CYS A 6 3.73 -1.66 -0.71
C CYS A 6 4.64 -0.92 0.26
N GLN A 7 5.59 -0.16 -0.28
CA GLN A 7 6.39 0.74 0.55
C GLN A 7 6.41 2.12 -0.13
N ALA A 8 5.30 2.85 0.00
CA ALA A 8 5.19 4.15 -0.67
C ALA A 8 5.60 5.29 0.26
N ILE A 9 5.47 6.53 -0.23
CA ILE A 9 5.92 7.68 0.55
C ILE A 9 4.99 7.93 1.76
N GLY A 10 3.70 8.12 1.51
CA GLY A 10 2.78 8.39 2.61
C GLY A 10 1.99 7.17 3.08
N CYS A 11 2.58 5.98 3.04
CA CYS A 11 1.97 4.82 3.68
C CYS A 11 2.90 4.33 4.81
N PRO A 12 2.45 3.56 5.80
CA PRO A 12 3.29 3.25 6.98
C PRO A 12 4.50 2.36 6.67
N THR A 13 5.26 2.03 7.70
CA THR A 13 6.46 1.21 7.50
C THR A 13 6.11 -0.20 7.04
N LEU A 14 7.08 -0.88 6.41
CA LEU A 14 6.81 -2.19 5.80
C LEU A 14 6.26 -3.21 6.81
N TYR A 15 6.98 -3.44 7.91
CA TYR A 15 6.52 -4.42 8.89
C TYR A 15 5.58 -3.76 9.90
N SER A 16 4.33 -3.60 9.51
CA SER A 16 3.32 -3.04 10.41
C SER A 16 1.93 -3.54 10.01
N GLU A 17 1.01 -3.60 10.97
CA GLU A 17 -0.35 -4.06 10.66
C GLU A 17 -1.10 -3.14 9.69
N ALA A 18 -0.89 -1.83 9.79
CA ALA A 18 -1.53 -0.90 8.85
C ALA A 18 -1.03 -1.09 7.41
N ASN A 19 0.29 -1.16 7.22
CA ASN A 19 0.82 -1.42 5.87
C ASN A 19 0.42 -2.80 5.34
N LEU A 20 0.38 -3.81 6.21
CA LEU A 20 -0.04 -5.15 5.80
C LEU A 20 -1.47 -5.16 5.24
N ALA A 21 -2.40 -4.48 5.89
CA ALA A 21 -3.77 -4.39 5.35
C ALA A 21 -3.86 -3.69 3.99
N VAL A 22 -3.09 -2.63 3.79
CA VAL A 22 -3.08 -1.93 2.49
C VAL A 22 -2.65 -2.88 1.36
N SER A 23 -1.54 -3.59 1.56
CA SER A 23 -1.13 -4.60 0.57
C SER A 23 -2.10 -5.79 0.48
N LYS A 24 -2.78 -6.14 1.57
CA LYS A 24 -3.73 -7.26 1.53
C LYS A 24 -4.90 -7.06 0.56
N GLU A 25 -5.30 -5.81 0.30
CA GLU A 25 -6.25 -5.58 -0.81
C GLU A 25 -5.55 -5.37 -2.15
N CYS A 26 -4.63 -4.41 -2.26
CA CYS A 26 -4.09 -4.08 -3.60
C CYS A 26 -3.04 -5.08 -4.10
N ARG A 27 -2.06 -5.45 -3.28
CA ARG A 27 -0.98 -6.34 -3.75
C ARG A 27 -1.49 -7.69 -4.31
N ASP A 28 -2.61 -8.21 -3.82
CA ASP A 28 -3.13 -9.49 -4.34
C ASP A 28 -3.42 -9.49 -5.84
N GLN A 29 -3.74 -8.34 -6.43
CA GLN A 29 -3.97 -8.27 -7.88
C GLN A 29 -2.63 -8.28 -8.62
N GLY A 30 -2.18 -9.46 -9.01
CA GLY A 30 -0.88 -9.57 -9.71
C GLY A 30 0.24 -9.86 -8.72
N LYS A 31 1.34 -9.12 -8.85
CA LYS A 31 2.51 -9.38 -8.00
C LYS A 31 3.49 -8.21 -8.04
N LEU A 32 3.97 -7.84 -9.23
CA LEU A 32 5.05 -6.86 -9.33
C LEU A 32 4.53 -5.43 -9.14
N GLY A 33 5.40 -4.55 -8.66
CA GLY A 33 4.98 -3.18 -8.35
C GLY A 33 5.10 -2.24 -9.54
N ASP A 34 4.23 -2.40 -10.53
CA ASP A 34 4.14 -1.41 -11.61
C ASP A 34 2.65 -1.23 -11.98
N ASP A 35 1.85 -0.90 -10.98
CA ASP A 35 0.39 -0.83 -11.14
C ASP A 35 -0.25 -0.28 -9.87
N PHE A 36 0.23 -0.73 -8.71
CA PHE A 36 -0.41 -0.36 -7.43
C PHE A 36 -0.24 1.12 -7.06
N HIS A 37 0.78 1.79 -7.61
CA HIS A 37 1.11 3.18 -7.21
C HIS A 37 -0.06 4.07 -6.76
N ARG A 38 -1.13 4.15 -7.56
CA ARG A 38 -2.28 4.97 -7.17
C ARG A 38 -2.89 4.46 -5.86
N CYS A 39 -3.42 3.24 -5.85
CA CYS A 39 -3.99 2.66 -4.61
C CYS A 39 -3.20 2.96 -3.32
N CYS A 40 -1.90 2.74 -3.36
CA CYS A 40 -1.07 2.85 -2.15
C CYS A 40 -0.91 4.30 -1.64
N GLU A 41 -1.00 5.30 -2.51
CA GLU A 41 -1.16 6.67 -1.99
C GLU A 41 -2.64 6.96 -1.79
N GLU A 42 -3.43 6.91 -2.86
CA GLU A 42 -4.86 7.25 -2.81
C GLU A 42 -5.58 6.99 -1.48
N GLN A 43 -5.65 5.73 -1.06
CA GLN A 43 -6.36 5.39 0.18
C GLN A 43 -5.44 5.49 1.40
N CYS A 44 -4.27 4.85 1.35
CA CYS A 44 -3.36 4.84 2.50
C CYS A 44 -2.67 6.20 2.66
N GLY A 45 -2.92 6.82 3.80
CA GLY A 45 -2.43 8.19 4.01
C GLY A 45 -3.35 9.23 3.38
N SER A 46 -4.57 9.30 3.92
CA SER A 46 -5.67 10.07 3.30
C SER A 46 -5.32 11.08 2.21
N THR A 47 -4.83 12.27 2.61
CA THR A 47 -4.68 13.42 1.70
C THR A 47 -4.80 13.15 0.19
N THR A 48 -5.96 13.43 -0.36
CA THR A 48 -6.19 13.17 -1.80
C THR A 48 -7.38 14.00 -2.29
N PRO A 49 -7.34 14.57 -3.50
CA PRO A 49 -8.46 15.36 -4.03
C PRO A 49 -9.60 14.45 -4.48
N ALA A 50 -10.78 14.65 -3.89
CA ALA A 50 -11.93 13.80 -4.25
C ALA A 50 -12.57 14.24 -5.57
N SER A 51 -12.94 15.51 -5.69
CA SER A 51 -13.54 15.99 -6.94
C SER A 51 -12.44 16.40 -7.93
N ALA A 52 -12.60 15.98 -9.18
CA ALA A 52 -11.63 16.33 -10.22
C ALA A 52 -12.33 16.48 -11.56
#